data_4JTR
#
_entry.id   4JTR
#
_cell.length_a   145.051
_cell.length_b   145.051
_cell.length_c   202.474
_cell.angle_alpha   90.00
_cell.angle_beta   90.00
_cell.angle_gamma   120.00
#
_symmetry.space_group_name_H-M   'H 3 2'
#
loop_
_entity.id
_entity.type
_entity.pdbx_description
1 polymer 'Aldo-keto reductase family 1 member C2'
2 non-polymer IBUPROFEN
3 non-polymer 'NADP NICOTINAMIDE-ADENINE-DINUCLEOTIDE PHOSPHATE'
4 non-polymer 1,2-ETHANEDIOL
5 non-polymer '(2R)-2-[4-(2-methylpropyl)phenyl]propanoic acid'
6 non-polymer 'PHOSPHATE ION'
7 non-polymer 'L(+)-TARTARIC ACID'
8 water water
#
_entity_poly.entity_id   1
_entity_poly.type   'polypeptide(L)'
_entity_poly.pdbx_seq_one_letter_code
;MDSKYQCVKLNDGHFMPVLGFGTYAPAEVPKSKALEAVKLAIEAGFHHIDSAHVYNNEEQVGLAIRSKIADGSVKREDIF
YTSKLWSNSHRPELVRPALERSLKNLQLDYVDLYLIHFPVSVKPGEEVIPKDENGKILFDTVDLCATWEAMEKCKDAGLA
KSIGVSNFNHRLLEMILNKPGLKYKPVCNQVECHPYFNQRKLLDFCKSKDIVLVAYSALGSHREEPWVDPNSPVLLEDPV
LCALAKKHKRTPALIALRYQLQRGVVVLAKSYNEQRIRQNVQVFEFQLTSEEMKAIDGLNRNVRYLTLDIFAGPPNYPFS
DEYLEHHHHHH
;
_entity_poly.pdbx_strand_id   A,B
#
# COMPACT_ATOMS: atom_id res chain seq x y z
N LYS A 4 5.75 1.76 -11.91
CA LYS A 4 5.23 1.16 -10.64
C LYS A 4 4.02 1.99 -10.09
N TYR A 5 3.20 1.39 -9.23
CA TYR A 5 2.01 1.97 -8.69
C TYR A 5 1.52 1.12 -7.53
N GLN A 6 0.77 1.79 -6.62
CA GLN A 6 0.41 1.14 -5.36
CA GLN A 6 0.41 1.13 -5.38
C GLN A 6 -0.71 0.11 -5.52
N CYS A 7 -0.41 -1.11 -5.06
CA CYS A 7 -1.29 -2.26 -5.09
C CYS A 7 -1.41 -2.92 -3.72
N VAL A 8 -2.40 -3.74 -3.51
CA VAL A 8 -2.54 -4.58 -2.34
C VAL A 8 -2.63 -6.04 -2.78
N LYS A 9 -2.03 -6.96 -1.99
CA LYS A 9 -2.05 -8.37 -2.29
C LYS A 9 -3.42 -8.94 -1.80
N LEU A 10 -4.12 -9.56 -2.72
CA LEU A 10 -5.39 -10.23 -2.45
C LEU A 10 -5.14 -11.61 -1.85
N ASN A 11 -6.20 -12.22 -1.28
CA ASN A 11 -6.11 -13.49 -0.61
C ASN A 11 -5.91 -14.66 -1.53
N ASP A 12 -5.95 -14.46 -2.85
CA ASP A 12 -5.63 -15.41 -3.88
C ASP A 12 -4.25 -15.21 -4.54
N GLY A 13 -3.48 -14.27 -3.98
CA GLY A 13 -2.14 -13.98 -4.46
C GLY A 13 -2.04 -12.96 -5.58
N HIS A 14 -3.18 -12.56 -6.20
CA HIS A 14 -3.15 -11.51 -7.18
C HIS A 14 -3.08 -10.18 -6.50
N PHE A 15 -2.76 -9.12 -7.28
CA PHE A 15 -2.60 -7.77 -6.77
C PHE A 15 -3.59 -6.82 -7.34
N MET A 16 -4.16 -5.98 -6.52
CA MET A 16 -5.17 -4.99 -6.90
C MET A 16 -4.66 -3.57 -6.72
N PRO A 17 -4.68 -2.70 -7.73
CA PRO A 17 -4.28 -1.35 -7.53
C PRO A 17 -5.25 -0.67 -6.59
N VAL A 18 -4.79 0.09 -5.63
CA VAL A 18 -5.56 0.59 -4.52
C VAL A 18 -6.48 1.75 -4.91
N LEU A 19 -6.27 2.40 -6.04
CA LEU A 19 -7.15 3.46 -6.56
C LEU A 19 -7.73 2.94 -7.88
N GLY A 20 -9.07 2.88 -7.93
CA GLY A 20 -9.81 2.43 -9.11
C GLY A 20 -10.66 3.50 -9.73
N PHE A 21 -10.88 3.39 -11.04
CA PHE A 21 -11.66 4.37 -11.80
C PHE A 21 -13.06 3.77 -11.98
N GLY A 22 -14.03 4.53 -11.50
CA GLY A 22 -15.45 4.18 -11.69
C GLY A 22 -16.00 4.63 -13.00
N THR A 23 -16.81 3.74 -13.61
CA THR A 23 -17.26 3.98 -14.98
C THR A 23 -18.75 4.19 -15.16
N TYR A 24 -19.53 4.06 -14.11
CA TYR A 24 -20.99 4.20 -14.25
C TYR A 24 -21.34 5.68 -14.45
N ALA A 25 -22.22 5.96 -15.39
CA ALA A 25 -22.81 7.27 -15.47
C ALA A 25 -24.26 7.10 -15.72
N PRO A 26 -25.06 8.07 -15.23
CA PRO A 26 -26.53 7.92 -15.44
C PRO A 26 -26.90 7.91 -16.93
N ALA A 27 -28.01 7.28 -17.31
CA ALA A 27 -28.35 7.07 -18.74
C ALA A 27 -28.44 8.39 -19.59
N GLU A 28 -28.64 9.55 -18.94
CA GLU A 28 -28.70 10.82 -19.72
C GLU A 28 -27.31 11.22 -20.25
N VAL A 29 -26.29 10.48 -19.83
CA VAL A 29 -24.95 10.71 -20.28
C VAL A 29 -24.70 9.71 -21.41
N PRO A 30 -24.35 10.23 -22.60
CA PRO A 30 -24.04 9.37 -23.76
C PRO A 30 -22.87 8.42 -23.49
N LYS A 31 -22.97 7.24 -24.07
CA LYS A 31 -21.94 6.18 -23.82
C LYS A 31 -20.60 6.51 -24.32
N SER A 32 -20.53 7.32 -25.37
CA SER A 32 -19.30 7.94 -25.84
C SER A 32 -18.38 8.51 -24.79
N LYS A 33 -19.01 9.02 -23.73
CA LYS A 33 -18.28 9.69 -22.72
C LYS A 33 -17.45 8.66 -21.94
N ALA A 34 -17.90 7.43 -21.86
CA ALA A 34 -17.16 6.37 -21.15
C ALA A 34 -15.81 6.10 -21.81
N LEU A 35 -15.81 6.05 -23.14
CA LEU A 35 -14.61 5.76 -23.95
C LEU A 35 -13.58 6.81 -23.63
N GLU A 36 -13.98 8.09 -23.76
CA GLU A 36 -13.03 9.16 -23.50
C GLU A 36 -12.50 9.19 -22.06
N ALA A 37 -13.41 9.01 -21.16
CA ALA A 37 -13.06 9.13 -19.74
C ALA A 37 -12.07 7.98 -19.35
N VAL A 38 -12.33 6.76 -19.77
CA VAL A 38 -11.37 5.65 -19.45
C VAL A 38 -10.00 5.86 -20.04
N LYS A 39 -9.95 6.38 -21.27
CA LYS A 39 -8.66 6.74 -21.84
C LYS A 39 -7.92 7.79 -20.99
N LEU A 40 -8.66 8.81 -20.60
CA LEU A 40 -8.08 9.88 -19.77
C LEU A 40 -7.62 9.31 -18.40
N ALA A 41 -8.38 8.40 -17.85
CA ALA A 41 -8.04 7.80 -16.53
C ALA A 41 -6.72 6.99 -16.65
N ILE A 42 -6.58 6.23 -17.73
CA ILE A 42 -5.37 5.45 -17.95
C ILE A 42 -4.20 6.45 -18.12
N GLU A 43 -4.39 7.50 -18.94
CA GLU A 43 -3.36 8.51 -19.15
CA GLU A 43 -3.33 8.46 -19.15
C GLU A 43 -2.90 9.12 -17.82
N ALA A 44 -3.88 9.39 -16.90
CA ALA A 44 -3.63 10.04 -15.64
C ALA A 44 -2.89 9.13 -14.64
N GLY A 45 -2.89 7.84 -14.91
CA GLY A 45 -2.31 6.86 -14.00
C GLY A 45 -3.17 5.95 -13.21
N PHE A 46 -4.47 5.89 -13.55
CA PHE A 46 -5.29 4.82 -13.02
C PHE A 46 -4.87 3.50 -13.68
N HIS A 47 -4.76 2.48 -12.89
CA HIS A 47 -4.45 1.15 -13.35
C HIS A 47 -5.51 0.09 -13.07
N HIS A 48 -6.60 0.53 -12.46
CA HIS A 48 -7.74 -0.30 -12.00
C HIS A 48 -9.00 0.43 -12.53
N ILE A 49 -9.81 -0.32 -13.25
N ILE A 49 -9.77 -0.31 -13.34
CA ILE A 49 -11.03 0.19 -13.88
CA ILE A 49 -11.03 0.13 -13.98
C ILE A 49 -12.19 -0.68 -13.55
C ILE A 49 -12.18 -0.74 -13.47
N ASP A 50 -13.24 -0.09 -12.97
CA ASP A 50 -14.40 -0.78 -12.44
C ASP A 50 -15.57 -0.64 -13.35
N SER A 51 -16.12 -1.72 -13.87
CA SER A 51 -17.36 -1.65 -14.64
C SER A 51 -18.25 -2.84 -14.25
N ALA A 52 -19.20 -3.14 -15.13
CA ALA A 52 -20.25 -4.08 -14.84
C ALA A 52 -21.12 -4.26 -16.10
N HIS A 53 -21.68 -5.46 -16.20
CA HIS A 53 -22.61 -5.68 -17.36
C HIS A 53 -23.77 -4.66 -17.31
N VAL A 54 -24.30 -4.41 -16.10
CA VAL A 54 -25.53 -3.57 -16.01
C VAL A 54 -25.27 -2.12 -16.31
N TYR A 55 -24.03 -1.68 -16.35
CA TYR A 55 -23.67 -0.28 -16.67
C TYR A 55 -23.88 0.05 -18.16
N ASN A 56 -24.04 -0.98 -18.95
CA ASN A 56 -24.25 -0.80 -20.40
C ASN A 56 -23.20 0.05 -21.08
N ASN A 57 -21.92 -0.20 -20.69
CA ASN A 57 -20.84 0.53 -21.27
C ASN A 57 -19.61 -0.36 -21.56
N GLU A 58 -19.70 -1.68 -21.45
CA GLU A 58 -18.56 -2.50 -21.63
C GLU A 58 -18.00 -2.37 -23.03
N GLU A 59 -18.79 -2.10 -24.07
CA GLU A 59 -18.22 -1.95 -25.39
C GLU A 59 -17.24 -0.77 -25.46
N GLN A 60 -17.64 0.31 -24.84
CA GLN A 60 -16.87 1.50 -24.81
C GLN A 60 -15.66 1.44 -23.87
N VAL A 61 -15.87 0.85 -22.69
CA VAL A 61 -14.77 0.72 -21.76
C VAL A 61 -13.71 -0.23 -22.35
N GLY A 62 -14.14 -1.32 -22.96
CA GLY A 62 -13.22 -2.23 -23.55
C GLY A 62 -12.46 -1.60 -24.67
N LEU A 63 -13.10 -0.78 -25.51
CA LEU A 63 -12.39 -0.13 -26.59
CA LEU A 63 -12.45 -0.17 -26.59
C LEU A 63 -11.31 0.81 -26.08
N ALA A 64 -11.61 1.50 -24.99
CA ALA A 64 -10.64 2.38 -24.35
C ALA A 64 -9.39 1.61 -23.91
N ILE A 65 -9.64 0.50 -23.26
CA ILE A 65 -8.54 -0.34 -22.82
C ILE A 65 -7.76 -0.92 -24.00
N ARG A 66 -8.47 -1.48 -24.99
CA ARG A 66 -7.81 -2.02 -26.17
CA ARG A 66 -7.79 -2.06 -26.15
C ARG A 66 -6.98 -0.99 -26.88
N SER A 67 -7.51 0.20 -26.94
CA SER A 67 -6.83 1.30 -27.63
C SER A 67 -5.54 1.64 -26.94
N LYS A 68 -5.59 1.79 -25.62
CA LYS A 68 -4.41 2.16 -24.83
C LYS A 68 -3.34 1.02 -24.84
N ILE A 69 -3.74 -0.22 -24.99
CA ILE A 69 -2.85 -1.30 -25.14
C ILE A 69 -2.25 -1.18 -26.56
N ALA A 70 -3.08 -1.12 -27.57
CA ALA A 70 -2.64 -1.22 -28.96
C ALA A 70 -1.77 -0.03 -29.29
N ASP A 71 -1.92 1.13 -28.69
CA ASP A 71 -1.04 2.29 -29.03
C ASP A 71 0.23 2.35 -28.20
N GLY A 72 0.45 1.29 -27.42
CA GLY A 72 1.64 1.21 -26.59
C GLY A 72 1.74 1.93 -25.27
N SER A 73 0.59 2.56 -24.92
CA SER A 73 0.51 3.31 -23.66
C SER A 73 0.63 2.43 -22.40
N VAL A 74 0.04 1.25 -22.43
CA VAL A 74 0.00 0.39 -21.23
C VAL A 74 -0.02 -1.08 -21.70
N LYS A 75 0.49 -2.00 -20.91
CA LYS A 75 0.37 -3.37 -21.18
C LYS A 75 -0.92 -3.95 -20.49
N ARG A 76 -1.46 -5.03 -21.03
CA ARG A 76 -2.62 -5.64 -20.43
C ARG A 76 -2.39 -6.03 -18.95
N GLU A 77 -1.20 -6.50 -18.64
CA GLU A 77 -0.91 -6.86 -17.26
C GLU A 77 -0.85 -5.67 -16.29
N ASP A 78 -0.84 -4.45 -16.82
CA ASP A 78 -0.82 -3.27 -16.02
C ASP A 78 -2.20 -2.57 -15.96
N ILE A 79 -3.23 -3.27 -16.41
CA ILE A 79 -4.60 -2.85 -16.23
C ILE A 79 -5.30 -3.97 -15.39
N PHE A 80 -6.01 -3.53 -14.34
CA PHE A 80 -6.83 -4.38 -13.48
C PHE A 80 -8.27 -4.01 -13.80
N TYR A 81 -8.94 -4.89 -14.54
CA TYR A 81 -10.30 -4.65 -15.01
C TYR A 81 -11.29 -5.55 -14.25
N THR A 82 -12.31 -4.89 -13.70
CA THR A 82 -13.40 -5.55 -12.94
C THR A 82 -14.71 -5.53 -13.73
N SER A 83 -15.31 -6.69 -13.88
CA SER A 83 -16.73 -6.75 -14.26
C SER A 83 -17.52 -7.35 -13.11
N LYS A 84 -18.86 -7.34 -13.33
CA LYS A 84 -19.79 -7.87 -12.32
C LYS A 84 -20.95 -8.61 -13.02
N LEU A 85 -21.24 -9.71 -12.40
CA LEU A 85 -22.36 -10.62 -12.74
C LEU A 85 -23.67 -10.00 -12.27
N TRP A 86 -24.52 -9.67 -13.20
CA TRP A 86 -25.80 -9.10 -12.86
C TRP A 86 -26.77 -10.23 -12.39
N SER A 87 -27.81 -9.77 -11.67
CA SER A 87 -28.70 -10.61 -10.97
C SER A 87 -29.67 -11.45 -11.81
N ASN A 88 -29.71 -11.17 -13.13
CA ASN A 88 -30.46 -12.04 -14.08
C ASN A 88 -29.64 -13.27 -14.49
N SER A 89 -28.39 -13.38 -13.97
CA SER A 89 -27.50 -14.48 -14.26
C SER A 89 -26.92 -15.18 -13.05
N HIS A 90 -27.59 -15.17 -11.94
CA HIS A 90 -27.22 -15.89 -10.77
C HIS A 90 -27.29 -17.38 -10.92
N ARG A 91 -28.26 -17.89 -11.73
CA ARG A 91 -28.36 -19.34 -11.80
C ARG A 91 -26.98 -19.86 -12.22
N PRO A 92 -26.57 -20.98 -11.63
CA PRO A 92 -25.17 -21.38 -11.84
C PRO A 92 -24.80 -21.61 -13.29
N GLU A 93 -25.69 -22.20 -14.07
CA GLU A 93 -25.42 -22.42 -15.48
C GLU A 93 -25.36 -21.15 -16.38
N LEU A 94 -25.80 -20.02 -15.82
CA LEU A 94 -25.82 -18.78 -16.51
C LEU A 94 -24.61 -17.89 -16.20
N VAL A 95 -23.81 -18.26 -15.22
CA VAL A 95 -22.69 -17.44 -14.75
C VAL A 95 -21.59 -17.30 -15.79
N ARG A 96 -21.08 -18.46 -16.26
CA ARG A 96 -20.06 -18.43 -17.27
C ARG A 96 -20.50 -17.76 -18.58
N PRO A 97 -21.78 -18.07 -19.03
CA PRO A 97 -22.22 -17.33 -20.20
C PRO A 97 -22.25 -15.80 -20.01
N ALA A 98 -22.64 -15.33 -18.80
CA ALA A 98 -22.62 -13.88 -18.60
C ALA A 98 -21.20 -13.28 -18.65
N LEU A 99 -20.26 -14.02 -18.10
CA LEU A 99 -18.86 -13.56 -18.14
C LEU A 99 -18.34 -13.53 -19.57
N GLU A 100 -18.67 -14.58 -20.30
N GLU A 100 -18.68 -14.58 -20.30
CA GLU A 100 -18.25 -14.69 -21.69
CA GLU A 100 -18.25 -14.68 -21.67
C GLU A 100 -18.91 -13.62 -22.57
C GLU A 100 -18.90 -13.62 -22.56
N ARG A 101 -20.14 -13.25 -22.23
CA ARG A 101 -20.80 -12.16 -22.92
C ARG A 101 -20.15 -10.81 -22.66
N SER A 102 -19.81 -10.54 -21.40
CA SER A 102 -19.06 -9.33 -21.03
C SER A 102 -17.69 -9.30 -21.83
N LEU A 103 -16.96 -10.43 -21.81
CA LEU A 103 -15.67 -10.53 -22.51
C LEU A 103 -15.80 -10.27 -23.99
N LYS A 104 -16.88 -10.75 -24.61
CA LYS A 104 -17.11 -10.48 -26.03
C LYS A 104 -17.38 -9.03 -26.30
N ASN A 105 -18.17 -8.42 -25.40
CA ASN A 105 -18.41 -7.00 -25.54
C ASN A 105 -17.14 -6.13 -25.39
N LEU A 106 -16.34 -6.54 -24.43
CA LEU A 106 -15.06 -5.87 -24.12
C LEU A 106 -13.96 -6.09 -25.14
N GLN A 107 -14.08 -7.22 -25.88
CA GLN A 107 -12.96 -7.81 -26.67
C GLN A 107 -11.73 -7.89 -25.81
N LEU A 108 -11.86 -8.47 -24.61
CA LEU A 108 -10.73 -8.87 -23.76
C LEU A 108 -10.79 -10.35 -23.52
N ASP A 109 -9.65 -10.95 -23.21
CA ASP A 109 -9.60 -12.37 -23.02
C ASP A 109 -9.98 -12.85 -21.60
N TYR A 110 -9.80 -11.97 -20.62
CA TYR A 110 -10.10 -12.28 -19.20
C TYR A 110 -10.40 -10.94 -18.51
N VAL A 111 -11.16 -11.08 -17.41
CA VAL A 111 -11.23 -9.94 -16.42
C VAL A 111 -10.31 -10.24 -15.27
N ASP A 112 -9.77 -9.19 -14.69
CA ASP A 112 -8.98 -9.34 -13.47
C ASP A 112 -9.80 -9.71 -12.27
N LEU A 113 -11.07 -9.24 -12.28
CA LEU A 113 -11.93 -9.51 -11.15
C LEU A 113 -13.38 -9.61 -11.63
N TYR A 114 -14.07 -10.62 -11.13
CA TYR A 114 -15.49 -10.83 -11.41
C TYR A 114 -16.20 -10.87 -10.10
N LEU A 115 -17.25 -10.00 -9.94
CA LEU A 115 -18.01 -9.95 -8.68
C LEU A 115 -19.48 -10.40 -8.90
N ILE A 116 -20.02 -10.96 -7.84
CA ILE A 116 -21.48 -11.00 -7.74
C ILE A 116 -21.94 -9.61 -7.41
N HIS A 117 -22.67 -8.95 -8.31
CA HIS A 117 -22.99 -7.55 -8.16
C HIS A 117 -23.90 -7.22 -6.97
N PHE A 118 -24.92 -8.04 -6.79
CA PHE A 118 -25.95 -7.74 -5.83
C PHE A 118 -26.58 -9.07 -5.48
N PRO A 119 -26.87 -9.28 -4.16
CA PRO A 119 -27.28 -10.65 -3.75
C PRO A 119 -28.74 -11.09 -4.01
N VAL A 120 -29.53 -10.17 -4.48
CA VAL A 120 -30.95 -10.52 -4.82
C VAL A 120 -31.04 -10.92 -6.28
N SER A 121 -31.58 -12.10 -6.55
CA SER A 121 -31.68 -12.64 -7.85
C SER A 121 -32.97 -12.23 -8.60
N VAL A 122 -32.91 -12.07 -9.91
CA VAL A 122 -34.10 -11.84 -10.73
C VAL A 122 -34.11 -12.79 -11.92
N LYS A 123 -35.29 -12.96 -12.52
CA LYS A 123 -35.46 -13.95 -13.52
C LYS A 123 -34.52 -13.78 -14.71
N PRO A 124 -34.09 -14.93 -15.27
CA PRO A 124 -33.19 -14.81 -16.45
C PRO A 124 -33.83 -14.22 -17.70
N GLY A 125 -32.99 -13.73 -18.56
CA GLY A 125 -33.35 -13.08 -19.78
C GLY A 125 -32.57 -11.83 -20.06
N GLU A 126 -32.72 -11.19 -21.21
CA GLU A 126 -31.95 -10.01 -21.54
C GLU A 126 -32.26 -8.83 -20.60
N GLU A 127 -33.49 -8.76 -20.10
CA GLU A 127 -33.88 -7.63 -19.32
C GLU A 127 -33.15 -7.63 -17.97
N VAL A 128 -32.50 -6.52 -17.61
CA VAL A 128 -31.79 -6.48 -16.36
C VAL A 128 -32.69 -6.22 -15.14
N ILE A 129 -33.85 -5.61 -15.34
CA ILE A 129 -34.81 -5.46 -14.23
C ILE A 129 -36.15 -6.02 -14.79
N PRO A 130 -36.29 -7.31 -14.86
CA PRO A 130 -37.51 -7.91 -15.49
C PRO A 130 -38.70 -7.63 -14.62
N LYS A 131 -39.78 -7.24 -15.26
CA LYS A 131 -41.05 -6.93 -14.56
C LYS A 131 -42.17 -7.67 -15.20
N ASP A 132 -43.18 -8.02 -14.35
CA ASP A 132 -44.41 -8.60 -14.86
C ASP A 132 -45.30 -7.52 -15.39
N GLU A 133 -46.49 -7.93 -15.87
CA GLU A 133 -47.47 -7.06 -16.50
CA GLU A 133 -47.34 -6.91 -16.52
C GLU A 133 -47.92 -5.90 -15.61
N ASN A 134 -47.84 -6.15 -14.30
CA ASN A 134 -48.25 -5.19 -13.27
C ASN A 134 -47.07 -4.44 -12.66
N GLY A 135 -45.90 -4.48 -13.27
CA GLY A 135 -44.78 -3.69 -12.77
C GLY A 135 -44.03 -4.32 -11.66
N LYS A 136 -44.36 -5.55 -11.27
CA LYS A 136 -43.66 -6.19 -10.16
C LYS A 136 -42.33 -6.77 -10.65
N ILE A 137 -41.28 -6.55 -9.88
CA ILE A 137 -40.02 -7.19 -10.22
C ILE A 137 -40.15 -8.67 -10.21
N LEU A 138 -39.61 -9.37 -11.22
CA LEU A 138 -39.65 -10.79 -11.25
C LEU A 138 -38.46 -11.37 -10.50
N PHE A 139 -38.58 -11.53 -9.22
CA PHE A 139 -37.53 -12.11 -8.41
C PHE A 139 -37.39 -13.59 -8.68
N ASP A 140 -36.22 -14.16 -8.43
CA ASP A 140 -35.87 -15.56 -8.68
C ASP A 140 -35.32 -16.11 -7.40
N THR A 141 -35.45 -17.40 -7.15
CA THR A 141 -34.89 -18.03 -6.00
C THR A 141 -33.69 -18.89 -6.43
N VAL A 142 -32.48 -18.47 -5.96
CA VAL A 142 -31.24 -19.06 -6.37
C VAL A 142 -30.38 -19.20 -5.10
N ASP A 143 -29.68 -20.35 -4.97
CA ASP A 143 -28.72 -20.55 -3.88
C ASP A 143 -27.41 -19.85 -4.29
N LEU A 144 -27.09 -18.74 -3.61
CA LEU A 144 -25.84 -18.00 -3.94
C LEU A 144 -24.62 -18.85 -3.70
N CYS A 145 -24.68 -19.92 -2.88
CA CYS A 145 -23.54 -20.80 -2.81
C CYS A 145 -23.28 -21.49 -4.12
N ALA A 146 -24.36 -21.89 -4.82
CA ALA A 146 -24.23 -22.45 -6.13
C ALA A 146 -23.71 -21.46 -7.14
N THR A 147 -24.19 -20.23 -7.05
CA THR A 147 -23.63 -19.15 -7.91
C THR A 147 -22.11 -19.06 -7.67
N TRP A 148 -21.73 -19.11 -6.39
CA TRP A 148 -20.30 -18.95 -6.04
C TRP A 148 -19.47 -20.09 -6.61
N GLU A 149 -19.95 -21.33 -6.60
CA GLU A 149 -19.22 -22.44 -7.18
C GLU A 149 -19.04 -22.25 -8.63
N ALA A 150 -20.03 -21.65 -9.30
CA ALA A 150 -19.87 -21.32 -10.72
C ALA A 150 -18.79 -20.22 -11.03
N MET A 151 -18.72 -19.25 -10.13
CA MET A 151 -17.69 -18.22 -10.13
C MET A 151 -16.32 -18.87 -9.95
N GLU A 152 -16.23 -19.80 -8.99
CA GLU A 152 -14.95 -20.53 -8.84
C GLU A 152 -14.49 -21.21 -10.10
N LYS A 153 -15.43 -21.81 -10.83
CA LYS A 153 -15.12 -22.47 -12.04
C LYS A 153 -14.60 -21.51 -13.10
N CYS A 154 -15.16 -20.31 -13.11
CA CYS A 154 -14.69 -19.25 -14.02
C CYS A 154 -13.23 -18.85 -13.72
N LYS A 155 -12.91 -18.81 -12.44
CA LYS A 155 -11.54 -18.53 -12.00
C LYS A 155 -10.62 -19.69 -12.49
N ASP A 156 -11.02 -20.91 -12.23
CA ASP A 156 -10.20 -22.03 -12.68
C ASP A 156 -10.03 -22.10 -14.17
N ALA A 157 -11.02 -21.60 -14.94
CA ALA A 157 -10.94 -21.48 -16.38
C ALA A 157 -10.05 -20.41 -16.91
N GLY A 158 -9.62 -19.49 -16.02
CA GLY A 158 -8.79 -18.39 -16.40
C GLY A 158 -9.54 -17.22 -17.01
N LEU A 159 -10.87 -17.28 -16.93
CA LEU A 159 -11.70 -16.16 -17.48
C LEU A 159 -11.74 -14.95 -16.51
N ALA A 160 -11.62 -15.23 -15.25
CA ALA A 160 -11.50 -14.22 -14.19
C ALA A 160 -10.27 -14.55 -13.37
N LYS A 161 -9.37 -13.62 -13.21
CA LYS A 161 -8.17 -13.91 -12.41
C LYS A 161 -8.46 -14.06 -10.91
N SER A 162 -9.44 -13.25 -10.47
CA SER A 162 -9.94 -13.22 -9.11
C SER A 162 -11.47 -13.09 -9.14
N ILE A 163 -12.07 -13.54 -8.06
CA ILE A 163 -13.52 -13.44 -7.84
C ILE A 163 -13.80 -12.87 -6.49
N GLY A 164 -14.93 -12.13 -6.43
CA GLY A 164 -15.36 -11.47 -5.23
C GLY A 164 -16.86 -11.18 -5.20
N VAL A 165 -17.27 -10.37 -4.25
CA VAL A 165 -18.67 -10.06 -4.12
C VAL A 165 -18.84 -8.56 -3.94
N SER A 166 -20.07 -8.07 -4.04
CA SER A 166 -20.45 -6.69 -3.90
C SER A 166 -21.80 -6.61 -3.17
N ASN A 167 -21.92 -5.65 -2.26
CA ASN A 167 -23.17 -5.42 -1.56
C ASN A 167 -23.52 -6.61 -0.69
N PHE A 168 -22.58 -7.37 -0.20
CA PHE A 168 -22.83 -8.45 0.73
C PHE A 168 -22.70 -7.89 2.14
N ASN A 169 -23.60 -8.32 3.02
CA ASN A 169 -23.54 -8.09 4.49
C ASN A 169 -22.83 -9.26 5.13
N HIS A 170 -22.69 -9.10 6.49
CA HIS A 170 -22.02 -10.11 7.27
C HIS A 170 -22.59 -11.54 7.04
N ARG A 171 -23.94 -11.63 7.13
CA ARG A 171 -24.59 -12.93 7.02
C ARG A 171 -24.28 -13.60 5.68
N LEU A 172 -24.36 -12.78 4.59
CA LEU A 172 -24.15 -13.33 3.25
C LEU A 172 -22.67 -13.69 3.00
N LEU A 173 -21.78 -12.86 3.58
CA LEU A 173 -20.36 -13.24 3.49
C LEU A 173 -20.09 -14.55 4.21
N GLU A 174 -20.63 -14.68 5.39
CA GLU A 174 -20.50 -15.90 6.16
C GLU A 174 -21.02 -17.13 5.42
N MET A 175 -22.14 -16.96 4.72
CA MET A 175 -22.69 -18.08 3.92
C MET A 175 -21.71 -18.61 2.91
N ILE A 176 -20.93 -17.69 2.27
CA ILE A 176 -19.92 -18.13 1.33
C ILE A 176 -18.74 -18.76 2.10
N LEU A 177 -18.27 -18.03 3.12
CA LEU A 177 -17.08 -18.42 3.87
C LEU A 177 -17.25 -19.81 4.54
N ASN A 178 -18.50 -20.12 4.95
CA ASN A 178 -18.79 -21.37 5.65
C ASN A 178 -19.30 -22.46 4.67
N LYS A 179 -19.32 -22.19 3.38
CA LYS A 179 -19.79 -23.17 2.40
C LYS A 179 -18.93 -24.41 2.41
N PRO A 180 -19.58 -25.61 2.59
CA PRO A 180 -18.80 -26.83 2.45
C PRO A 180 -18.15 -26.93 1.08
N GLY A 181 -16.86 -27.27 1.11
CA GLY A 181 -16.13 -27.50 -0.15
C GLY A 181 -15.64 -26.17 -0.77
N LEU A 182 -15.75 -25.03 -0.07
CA LEU A 182 -15.24 -23.74 -0.57
C LEU A 182 -13.86 -23.92 -1.15
N LYS A 183 -13.67 -23.41 -2.38
CA LYS A 183 -12.36 -23.41 -3.01
C LYS A 183 -11.64 -22.08 -2.85
N TYR A 184 -12.35 -20.99 -3.15
CA TYR A 184 -11.78 -19.66 -3.14
C TYR A 184 -12.64 -18.70 -2.35
N LYS A 185 -12.12 -18.08 -1.28
CA LYS A 185 -12.79 -17.02 -0.67
C LYS A 185 -13.01 -15.86 -1.66
N PRO A 186 -14.00 -15.04 -1.36
CA PRO A 186 -14.05 -13.77 -2.12
C PRO A 186 -12.78 -12.97 -1.83
N VAL A 187 -12.23 -12.30 -2.83
CA VAL A 187 -11.05 -11.47 -2.55
C VAL A 187 -11.45 -10.13 -1.99
N CYS A 188 -12.70 -9.73 -2.16
CA CYS A 188 -13.12 -8.39 -1.83
C CYS A 188 -14.64 -8.42 -1.61
N ASN A 189 -15.09 -7.35 -0.96
CA ASN A 189 -16.54 -7.03 -0.88
C ASN A 189 -16.61 -5.54 -1.23
N GLN A 190 -17.15 -5.25 -2.39
CA GLN A 190 -17.31 -3.91 -2.86
C GLN A 190 -18.64 -3.30 -2.38
N VAL A 191 -18.54 -2.32 -1.50
CA VAL A 191 -19.66 -1.72 -0.80
C VAL A 191 -19.52 -0.20 -0.74
N GLU A 192 -20.65 0.46 -0.50
CA GLU A 192 -20.66 1.88 -0.29
C GLU A 192 -19.83 2.21 0.93
N CYS A 193 -18.96 3.18 0.81
CA CYS A 193 -18.14 3.57 2.00
C CYS A 193 -17.53 4.94 1.80
N HIS A 194 -17.74 5.82 2.78
CA HIS A 194 -17.36 7.18 2.73
C HIS A 194 -17.46 7.72 4.18
N PRO A 195 -17.02 8.98 4.37
CA PRO A 195 -17.02 9.46 5.79
C PRO A 195 -18.35 9.60 6.48
N TYR A 196 -19.45 9.58 5.73
CA TYR A 196 -20.76 9.59 6.36
C TYR A 196 -21.28 8.18 6.62
N PHE A 197 -20.57 7.13 6.12
CA PHE A 197 -20.98 5.76 6.26
C PHE A 197 -19.67 4.96 6.16
N ASN A 198 -18.91 5.02 7.24
CA ASN A 198 -17.54 4.52 7.16
C ASN A 198 -17.35 3.04 7.30
N GLN A 199 -18.41 2.27 7.61
CA GLN A 199 -18.35 0.84 7.55
C GLN A 199 -17.31 0.19 8.42
N ARG A 200 -17.01 0.85 9.56
CA ARG A 200 -16.03 0.27 10.43
C ARG A 200 -16.21 -1.16 10.83
N LYS A 201 -17.48 -1.53 11.21
CA LYS A 201 -17.73 -2.86 11.60
C LYS A 201 -17.45 -3.91 10.48
N LEU A 202 -18.04 -3.58 9.35
CA LEU A 202 -17.93 -4.53 8.24
C LEU A 202 -16.45 -4.59 7.71
N LEU A 203 -15.80 -3.42 7.73
CA LEU A 203 -14.37 -3.34 7.38
C LEU A 203 -13.58 -4.24 8.28
N ASP A 204 -13.75 -4.13 9.60
CA ASP A 204 -13.02 -5.01 10.51
C ASP A 204 -13.30 -6.47 10.30
N PHE A 205 -14.59 -6.81 10.04
CA PHE A 205 -14.88 -8.18 9.70
C PHE A 205 -14.10 -8.72 8.50
N CYS A 206 -14.18 -7.89 7.46
CA CYS A 206 -13.50 -8.23 6.20
C CYS A 206 -11.95 -8.39 6.43
N LYS A 207 -11.37 -7.47 7.23
CA LYS A 207 -9.95 -7.57 7.54
C LYS A 207 -9.63 -8.89 8.25
N SER A 208 -10.53 -9.26 9.18
CA SER A 208 -10.35 -10.51 9.95
C SER A 208 -10.30 -11.78 9.08
N LYS A 209 -10.86 -11.72 7.84
CA LYS A 209 -10.90 -12.80 6.87
C LYS A 209 -9.97 -12.57 5.64
N ASP A 210 -9.15 -11.51 5.73
CA ASP A 210 -8.27 -11.04 4.63
C ASP A 210 -9.11 -10.87 3.37
N ILE A 211 -10.25 -10.23 3.52
CA ILE A 211 -11.05 -9.77 2.39
C ILE A 211 -10.89 -8.26 2.35
N VAL A 212 -10.58 -7.77 1.14
CA VAL A 212 -10.43 -6.35 0.94
C VAL A 212 -11.81 -5.65 0.78
N LEU A 213 -12.05 -4.61 1.51
CA LEU A 213 -13.22 -3.75 1.27
C LEU A 213 -12.91 -2.76 0.17
N VAL A 214 -13.71 -2.74 -0.89
CA VAL A 214 -13.55 -1.83 -1.97
C VAL A 214 -14.69 -0.83 -1.88
N ALA A 215 -14.38 0.45 -1.71
CA ALA A 215 -15.37 1.53 -1.46
C ALA A 215 -15.86 2.09 -2.77
N TYR A 216 -17.19 2.09 -2.90
CA TYR A 216 -17.86 2.88 -3.91
C TYR A 216 -18.66 4.00 -3.27
N SER A 217 -19.04 4.93 -4.14
CA SER A 217 -19.65 6.19 -3.71
C SER A 217 -18.84 6.85 -2.59
N ALA A 218 -17.48 6.77 -2.77
CA ALA A 218 -16.53 7.27 -1.78
C ALA A 218 -16.52 8.75 -1.76
N LEU A 219 -17.02 9.37 -2.85
CA LEU A 219 -17.14 10.82 -2.93
C LEU A 219 -18.58 11.27 -2.77
N GLY A 220 -19.44 10.41 -2.20
CA GLY A 220 -20.87 10.71 -1.88
C GLY A 220 -21.82 10.38 -2.97
N SER A 221 -21.39 9.58 -3.98
CA SER A 221 -22.27 9.03 -5.08
C SER A 221 -22.56 9.96 -6.24
N HIS A 222 -22.99 9.32 -7.33
CA HIS A 222 -23.57 10.01 -8.48
C HIS A 222 -24.81 10.84 -8.17
N ARG A 223 -25.50 10.54 -7.05
CA ARG A 223 -26.73 11.19 -6.66
C ARG A 223 -27.79 11.14 -7.75
N GLU A 224 -27.84 10.04 -8.54
CA GLU A 224 -28.82 9.93 -9.63
C GLU A 224 -30.22 9.58 -9.04
N GLU A 225 -31.26 10.30 -9.45
CA GLU A 225 -32.64 9.90 -9.06
C GLU A 225 -33.18 8.86 -10.09
N PRO A 226 -34.07 7.93 -9.62
CA PRO A 226 -34.57 7.86 -8.21
C PRO A 226 -33.68 7.07 -7.21
N TRP A 227 -32.48 6.65 -7.64
CA TRP A 227 -31.64 5.70 -6.86
C TRP A 227 -31.15 6.25 -5.51
N VAL A 228 -30.91 7.58 -5.50
CA VAL A 228 -30.39 8.35 -4.36
C VAL A 228 -31.39 9.45 -4.06
N ASP A 229 -31.73 9.52 -2.76
CA ASP A 229 -32.61 10.54 -2.15
C ASP A 229 -31.93 11.87 -2.30
N PRO A 230 -32.55 12.78 -3.10
CA PRO A 230 -32.00 14.13 -3.27
C PRO A 230 -31.85 14.89 -1.94
N ASN A 231 -32.54 14.51 -0.87
CA ASN A 231 -32.53 15.27 0.35
C ASN A 231 -31.39 14.75 1.23
N SER A 232 -30.67 13.72 0.80
CA SER A 232 -29.44 13.30 1.50
C SER A 232 -28.37 14.42 1.53
N PRO A 233 -27.60 14.51 2.66
CA PRO A 233 -26.51 15.53 2.68
C PRO A 233 -25.47 15.28 1.60
N VAL A 234 -24.88 16.37 1.07
CA VAL A 234 -23.84 16.31 0.02
C VAL A 234 -22.49 16.11 0.72
N LEU A 235 -21.92 14.92 0.59
CA LEU A 235 -20.64 14.61 1.28
C LEU A 235 -19.56 15.73 1.14
N LEU A 236 -19.32 16.20 -0.05
CA LEU A 236 -18.15 17.04 -0.29
C LEU A 236 -18.29 18.46 0.15
N GLU A 237 -19.47 18.79 0.61
CA GLU A 237 -19.72 20.07 1.25
C GLU A 237 -19.45 20.01 2.74
N ASP A 238 -19.06 18.86 3.23
CA ASP A 238 -18.86 18.76 4.67
C ASP A 238 -17.82 19.76 5.14
N PRO A 239 -18.11 20.41 6.26
CA PRO A 239 -17.19 21.53 6.65
C PRO A 239 -15.81 21.05 7.19
N VAL A 240 -15.79 19.85 7.76
CA VAL A 240 -14.51 19.26 8.20
C VAL A 240 -13.65 18.84 7.01
N LEU A 241 -14.29 18.18 6.04
CA LEU A 241 -13.57 17.81 4.83
C LEU A 241 -13.07 19.05 4.12
N CYS A 242 -13.88 20.11 4.08
CA CYS A 242 -13.50 21.32 3.35
C CYS A 242 -12.31 22.05 4.06
N ALA A 243 -12.31 22.03 5.38
CA ALA A 243 -11.21 22.65 6.12
C ALA A 243 -9.91 21.86 6.08
N LEU A 244 -10.03 20.54 6.09
CA LEU A 244 -8.84 19.71 5.84
C LEU A 244 -8.27 19.96 4.46
N ALA A 245 -9.12 20.07 3.47
CA ALA A 245 -8.74 20.35 2.10
C ALA A 245 -7.99 21.67 2.02
N LYS A 246 -8.57 22.71 2.61
CA LYS A 246 -7.95 24.01 2.62
C LYS A 246 -6.56 23.93 3.28
N LYS A 247 -6.50 23.28 4.42
CA LYS A 247 -5.26 23.10 5.16
C LYS A 247 -4.12 22.46 4.36
N HIS A 248 -4.48 21.45 3.58
CA HIS A 248 -3.53 20.71 2.77
C HIS A 248 -3.33 21.22 1.34
N LYS A 249 -4.10 22.24 0.93
CA LYS A 249 -4.09 22.79 -0.43
C LYS A 249 -4.48 21.66 -1.37
N ARG A 250 -5.49 20.90 -0.94
CA ARG A 250 -6.05 19.82 -1.72
C ARG A 250 -7.54 20.13 -1.95
N THR A 251 -8.36 19.11 -2.04
CA THR A 251 -9.79 19.31 -2.27
C THR A 251 -10.51 18.32 -1.33
N PRO A 252 -11.82 18.56 -1.02
CA PRO A 252 -12.49 17.62 -0.16
C PRO A 252 -12.58 16.19 -0.75
N ALA A 253 -12.71 16.07 -2.06
CA ALA A 253 -12.64 14.79 -2.68
C ALA A 253 -11.35 14.03 -2.36
N LEU A 254 -10.23 14.76 -2.48
CA LEU A 254 -8.96 14.11 -2.22
C LEU A 254 -8.81 13.70 -0.75
N ILE A 255 -9.35 14.50 0.21
CA ILE A 255 -9.32 14.12 1.57
C ILE A 255 -10.10 12.78 1.74
N ALA A 256 -11.33 12.69 1.17
CA ALA A 256 -12.19 11.54 1.28
C ALA A 256 -11.54 10.26 0.69
N LEU A 257 -10.84 10.45 -0.41
CA LEU A 257 -10.09 9.35 -1.03
C LEU A 257 -8.92 8.83 -0.18
N ARG A 258 -8.18 9.81 0.30
CA ARG A 258 -6.99 9.52 1.12
C ARG A 258 -7.29 8.84 2.47
N TYR A 259 -8.45 9.25 3.04
CA TYR A 259 -8.98 8.62 4.26
C TYR A 259 -9.09 7.09 4.06
N GLN A 260 -9.68 6.70 2.92
CA GLN A 260 -9.93 5.26 2.64
C GLN A 260 -8.60 4.50 2.48
N LEU A 261 -7.68 5.13 1.70
CA LEU A 261 -6.41 4.44 1.47
C LEU A 261 -5.75 4.17 2.84
N GLN A 262 -5.70 5.14 3.71
CA GLN A 262 -4.96 4.96 4.97
C GLN A 262 -5.58 3.97 5.94
N ARG A 263 -6.90 3.77 5.85
CA ARG A 263 -7.57 2.77 6.64
C ARG A 263 -7.61 1.38 6.07
N GLY A 264 -6.91 1.22 4.94
CA GLY A 264 -6.73 -0.07 4.31
C GLY A 264 -7.78 -0.49 3.27
N VAL A 265 -8.57 0.47 2.85
CA VAL A 265 -9.62 0.28 1.88
C VAL A 265 -9.12 0.60 0.50
N VAL A 266 -9.52 -0.18 -0.51
CA VAL A 266 -9.30 0.18 -1.90
C VAL A 266 -10.40 1.09 -2.30
N VAL A 267 -10.13 2.21 -3.01
CA VAL A 267 -11.16 3.26 -3.20
C VAL A 267 -11.36 3.43 -4.72
N LEU A 268 -12.65 3.49 -5.07
CA LEU A 268 -13.03 3.88 -6.42
C LEU A 268 -13.32 5.35 -6.51
N ALA A 269 -13.16 5.93 -7.70
CA ALA A 269 -13.55 7.34 -7.91
C ALA A 269 -14.00 7.45 -9.34
N LYS A 270 -15.25 7.86 -9.55
CA LYS A 270 -15.69 8.13 -10.89
C LYS A 270 -15.59 9.61 -11.21
N SER A 271 -15.05 9.92 -12.39
CA SER A 271 -15.18 11.24 -12.96
C SER A 271 -15.10 11.10 -14.46
N TYR A 272 -15.93 11.87 -15.15
CA TYR A 272 -15.77 12.04 -16.58
C TYR A 272 -15.19 13.38 -17.00
N ASN A 273 -14.67 14.15 -16.03
CA ASN A 273 -14.13 15.47 -16.25
C ASN A 273 -12.62 15.37 -16.24
N GLU A 274 -11.97 15.82 -17.29
CA GLU A 274 -10.55 15.70 -17.42
C GLU A 274 -9.77 16.19 -16.20
N GLN A 275 -10.08 17.38 -15.75
CA GLN A 275 -9.36 17.95 -14.60
C GLN A 275 -9.53 17.10 -13.37
N ARG A 276 -10.75 16.71 -13.06
CA ARG A 276 -11.02 15.96 -11.87
C ARG A 276 -10.39 14.53 -11.89
N ILE A 277 -10.40 13.91 -13.07
CA ILE A 277 -9.71 12.64 -13.26
C ILE A 277 -8.24 12.77 -12.90
N ARG A 278 -7.58 13.82 -13.42
CA ARG A 278 -6.15 14.08 -13.09
C ARG A 278 -5.95 14.41 -11.63
N GLN A 279 -6.88 15.15 -11.04
CA GLN A 279 -6.83 15.47 -9.67
C GLN A 279 -6.81 14.26 -8.78
N ASN A 280 -7.70 13.33 -9.06
CA ASN A 280 -7.96 12.24 -8.14
C ASN A 280 -6.69 11.38 -7.90
N VAL A 281 -5.81 11.27 -8.88
N VAL A 281 -5.82 11.32 -8.89
CA VAL A 281 -4.57 10.52 -8.72
CA VAL A 281 -4.58 10.57 -8.82
C VAL A 281 -3.58 11.21 -7.76
C VAL A 281 -3.60 11.21 -7.81
N GLN A 282 -3.85 12.47 -7.44
CA GLN A 282 -3.01 13.15 -6.45
C GLN A 282 -3.20 12.59 -5.05
N VAL A 283 -4.08 11.61 -4.88
CA VAL A 283 -4.22 10.97 -3.61
C VAL A 283 -2.91 10.37 -3.09
N PHE A 284 -1.98 10.05 -3.97
CA PHE A 284 -0.70 9.46 -3.61
C PHE A 284 0.35 10.50 -3.20
N GLU A 285 -0.02 11.79 -3.23
CA GLU A 285 0.97 12.86 -3.11
CA GLU A 285 0.96 12.85 -3.10
C GLU A 285 1.04 13.44 -1.69
N PHE A 286 0.13 13.06 -0.80
CA PHE A 286 0.07 13.58 0.52
C PHE A 286 -0.43 12.51 1.48
N GLN A 287 -0.37 12.83 2.77
CA GLN A 287 -0.78 11.93 3.86
C GLN A 287 -1.51 12.68 4.95
N LEU A 288 -2.37 11.97 5.66
CA LEU A 288 -3.16 12.51 6.76
C LEU A 288 -2.56 11.98 8.09
N THR A 289 -2.46 12.87 9.07
CA THR A 289 -2.06 12.54 10.41
C THR A 289 -3.07 11.71 11.17
N SER A 290 -2.65 11.13 12.28
CA SER A 290 -3.59 10.34 13.11
C SER A 290 -4.75 11.23 13.63
N GLU A 291 -4.51 12.49 13.90
CA GLU A 291 -5.59 13.39 14.41
C GLU A 291 -6.53 13.76 13.27
N GLU A 292 -6.05 13.89 12.06
CA GLU A 292 -6.87 14.15 10.91
C GLU A 292 -7.76 12.94 10.62
N MET A 293 -7.20 11.75 10.67
CA MET A 293 -7.96 10.53 10.43
C MET A 293 -9.05 10.38 11.46
N LYS A 294 -8.79 10.72 12.73
CA LYS A 294 -9.81 10.60 13.79
C LYS A 294 -10.87 11.66 13.57
N ALA A 295 -10.52 12.85 13.06
CA ALA A 295 -11.53 13.88 12.77
C ALA A 295 -12.50 13.37 11.69
N ILE A 296 -11.95 12.67 10.68
CA ILE A 296 -12.78 12.12 9.65
C ILE A 296 -13.65 10.99 10.16
N ASP A 297 -13.12 10.10 10.98
CA ASP A 297 -13.87 9.05 11.63
C ASP A 297 -15.11 9.66 12.34
N GLY A 298 -14.91 10.86 12.88
CA GLY A 298 -15.98 11.49 13.63
C GLY A 298 -17.15 11.91 12.81
N LEU A 299 -17.02 11.99 11.51
CA LEU A 299 -18.08 12.36 10.63
C LEU A 299 -19.17 11.32 10.41
N ASN A 300 -18.94 10.08 10.78
CA ASN A 300 -19.79 8.97 10.51
C ASN A 300 -21.23 9.32 10.99
N ARG A 301 -22.20 9.04 10.13
CA ARG A 301 -23.53 9.34 10.47
C ARG A 301 -24.56 8.40 9.95
N ASN A 302 -24.15 7.18 9.58
CA ASN A 302 -25.19 6.16 9.24
C ASN A 302 -26.06 6.56 8.02
N VAL A 303 -25.50 7.31 7.07
CA VAL A 303 -26.15 7.76 5.79
C VAL A 303 -25.72 6.80 4.70
N ARG A 304 -26.66 5.91 4.29
CA ARG A 304 -26.51 5.10 3.09
C ARG A 304 -27.18 5.76 1.89
N TYR A 305 -26.41 6.18 0.88
CA TYR A 305 -26.90 6.82 -0.34
C TYR A 305 -27.62 5.78 -1.23
N LEU A 306 -27.06 4.56 -1.32
N LEU A 306 -27.05 4.58 -1.35
CA LEU A 306 -27.47 3.57 -2.30
CA LEU A 306 -27.51 3.63 -2.32
C LEU A 306 -28.20 2.43 -1.63
C LEU A 306 -28.21 2.46 -1.62
N THR A 307 -29.55 2.46 -1.66
CA THR A 307 -30.33 1.34 -1.05
C THR A 307 -30.79 0.28 -2.03
N LEU A 308 -30.91 0.62 -3.30
N LEU A 308 -30.83 0.58 -3.33
CA LEU A 308 -31.40 -0.32 -4.29
CA LEU A 308 -31.47 -0.27 -4.36
C LEU A 308 -32.70 -0.92 -3.76
C LEU A 308 -32.73 -0.91 -3.79
N ASP A 309 -33.54 -0.08 -3.14
CA ASP A 309 -34.69 -0.63 -2.42
C ASP A 309 -35.82 -1.19 -3.31
N ILE A 310 -35.68 -1.03 -4.64
CA ILE A 310 -36.52 -1.84 -5.54
C ILE A 310 -36.33 -3.36 -5.36
N PHE A 311 -35.15 -3.77 -4.87
N PHE A 311 -35.14 -3.73 -4.88
CA PHE A 311 -34.91 -5.16 -4.59
CA PHE A 311 -34.85 -5.11 -4.65
C PHE A 311 -35.12 -5.58 -3.14
C PHE A 311 -35.10 -5.56 -3.18
N ALA A 312 -35.71 -4.68 -2.37
CA ALA A 312 -36.06 -5.02 -1.00
C ALA A 312 -37.28 -5.95 -0.98
N GLY A 313 -37.31 -6.81 -0.02
CA GLY A 313 -38.39 -7.80 0.18
C GLY A 313 -37.94 -9.26 0.31
N PRO A 314 -37.13 -9.75 -0.66
CA PRO A 314 -36.54 -11.06 -0.61
C PRO A 314 -35.58 -11.16 0.60
N PRO A 315 -35.36 -12.39 1.05
CA PRO A 315 -34.50 -12.56 2.21
C PRO A 315 -33.04 -12.08 1.99
N ASN A 316 -32.54 -12.19 0.75
CA ASN A 316 -31.16 -11.83 0.53
C ASN A 316 -30.95 -10.32 0.37
N TYR A 317 -31.98 -9.49 0.45
CA TYR A 317 -31.80 -8.05 0.40
C TYR A 317 -30.83 -7.68 1.61
N PRO A 318 -29.70 -6.98 1.30
CA PRO A 318 -28.62 -6.96 2.29
C PRO A 318 -28.68 -5.86 3.34
N PHE A 319 -29.54 -4.86 3.15
CA PHE A 319 -29.61 -3.76 4.02
C PHE A 319 -30.98 -3.81 4.89
N SER B 3 4.39 -11.03 -9.77
CA SER B 3 5.48 -10.18 -10.25
C SER B 3 5.25 -8.69 -9.78
N LYS B 4 4.05 -8.38 -9.30
CA LYS B 4 3.73 -7.15 -8.62
C LYS B 4 3.95 -7.37 -7.13
N TYR B 5 4.10 -6.27 -6.41
CA TYR B 5 4.38 -6.29 -5.02
C TYR B 5 4.03 -4.89 -4.44
N GLN B 6 3.79 -4.80 -3.15
CA GLN B 6 3.29 -3.59 -2.50
CA GLN B 6 3.31 -3.58 -2.55
C GLN B 6 4.42 -2.56 -2.33
N CYS B 7 4.16 -1.36 -2.89
CA CYS B 7 5.04 -0.21 -2.81
C CYS B 7 4.28 1.01 -2.40
N VAL B 8 4.97 2.05 -1.94
CA VAL B 8 4.46 3.38 -1.66
C VAL B 8 5.15 4.41 -2.51
N LYS B 9 4.40 5.42 -2.97
CA LYS B 9 4.97 6.51 -3.75
C LYS B 9 5.64 7.50 -2.82
N LEU B 10 6.92 7.78 -3.17
CA LEU B 10 7.72 8.76 -2.46
C LEU B 10 7.47 10.15 -3.03
N ASN B 11 7.92 11.14 -2.24
CA ASN B 11 7.66 12.53 -2.56
C ASN B 11 8.49 13.01 -3.76
N ASP B 12 9.40 12.20 -4.29
CA ASP B 12 10.07 12.52 -5.55
C ASP B 12 9.57 11.74 -6.72
N GLY B 13 8.43 11.05 -6.54
CA GLY B 13 7.86 10.25 -7.63
C GLY B 13 8.30 8.83 -7.73
N HIS B 14 9.40 8.45 -7.10
CA HIS B 14 9.80 7.12 -7.08
C HIS B 14 8.97 6.23 -6.16
N PHE B 15 9.09 4.92 -6.26
CA PHE B 15 8.35 4.00 -5.46
C PHE B 15 9.21 3.08 -4.61
N MET B 16 8.83 2.89 -3.35
CA MET B 16 9.57 2.13 -2.35
C MET B 16 8.73 0.89 -1.98
N PRO B 17 9.26 -0.31 -2.07
CA PRO B 17 8.54 -1.49 -1.58
C PRO B 17 8.41 -1.37 -0.06
N VAL B 18 7.23 -1.73 0.48
CA VAL B 18 6.92 -1.46 1.85
C VAL B 18 7.51 -2.42 2.88
N LEU B 19 8.04 -3.54 2.43
CA LEU B 19 8.80 -4.47 3.31
C LEU B 19 10.23 -4.53 2.74
N GLY B 20 11.18 -4.18 3.59
CA GLY B 20 12.58 -4.27 3.25
C GLY B 20 13.33 -5.30 4.10
N PHE B 21 14.43 -5.77 3.48
CA PHE B 21 15.26 -6.79 4.08
C PHE B 21 16.54 -6.07 4.69
N GLY B 22 16.68 -6.14 5.98
CA GLY B 22 17.84 -5.62 6.62
C GLY B 22 19.02 -6.56 6.58
N THR B 23 20.25 -5.97 6.44
CA THR B 23 21.38 -6.77 6.14
C THR B 23 22.47 -6.71 7.17
N TYR B 24 22.34 -5.92 8.20
CA TYR B 24 23.49 -5.78 9.12
C TYR B 24 23.63 -7.07 9.99
N ALA B 25 24.87 -7.49 10.14
CA ALA B 25 25.15 -8.49 11.16
C ALA B 25 26.48 -8.08 11.86
N PRO B 26 26.63 -8.48 13.16
CA PRO B 26 27.94 -8.16 13.87
C PRO B 26 29.18 -8.73 13.12
N ALA B 27 30.35 -8.11 13.34
CA ALA B 27 31.56 -8.47 12.63
C ALA B 27 31.91 -9.91 12.86
N GLU B 28 31.49 -10.47 14.01
CA GLU B 28 31.70 -11.88 14.33
C GLU B 28 31.07 -12.81 13.31
N VAL B 29 30.00 -12.41 12.63
CA VAL B 29 29.35 -13.24 11.64
C VAL B 29 30.13 -13.08 10.33
N PRO B 30 30.59 -14.17 9.71
CA PRO B 30 31.31 -14.15 8.41
C PRO B 30 30.49 -13.35 7.37
N LYS B 31 31.17 -12.55 6.57
CA LYS B 31 30.54 -11.73 5.54
C LYS B 31 29.86 -12.58 4.48
N SER B 32 30.30 -13.83 4.26
CA SER B 32 29.67 -14.80 3.31
C SER B 32 28.21 -15.03 3.69
N LYS B 33 27.83 -14.86 4.95
CA LYS B 33 26.50 -15.13 5.38
C LYS B 33 25.55 -14.05 4.84
N ALA B 34 26.00 -12.84 4.60
CA ALA B 34 25.10 -11.84 4.04
C ALA B 34 24.82 -12.13 2.60
N LEU B 35 25.80 -12.68 1.91
CA LEU B 35 25.63 -13.08 0.55
C LEU B 35 24.47 -14.07 0.40
N GLU B 36 24.52 -15.11 1.18
CA GLU B 36 23.56 -16.12 1.09
C GLU B 36 22.19 -15.57 1.54
N ALA B 37 22.19 -14.82 2.61
CA ALA B 37 20.94 -14.26 3.13
C ALA B 37 20.20 -13.40 2.16
N VAL B 38 20.87 -12.55 1.47
CA VAL B 38 20.25 -11.67 0.48
C VAL B 38 19.70 -12.45 -0.70
N LYS B 39 20.39 -13.49 -1.17
CA LYS B 39 19.82 -14.32 -2.21
C LYS B 39 18.52 -14.98 -1.70
N LEU B 40 18.53 -15.51 -0.48
CA LEU B 40 17.30 -16.10 0.07
C LEU B 40 16.17 -15.04 0.18
N ALA B 41 16.50 -13.82 0.59
CA ALA B 41 15.49 -12.79 0.76
C ALA B 41 14.87 -12.47 -0.61
N ILE B 42 15.66 -12.38 -1.66
CA ILE B 42 15.17 -12.16 -2.98
C ILE B 42 14.26 -13.32 -3.43
N GLU B 43 14.72 -14.54 -3.23
CA GLU B 43 13.92 -15.66 -3.57
C GLU B 43 12.57 -15.65 -2.88
N ALA B 44 12.59 -15.26 -1.59
CA ALA B 44 11.34 -15.23 -0.77
C ALA B 44 10.34 -14.11 -1.18
N GLY B 45 10.81 -13.12 -1.97
CA GLY B 45 9.92 -12.07 -2.43
C GLY B 45 10.24 -10.73 -1.82
N PHE B 46 11.37 -10.53 -1.13
CA PHE B 46 11.78 -9.15 -0.76
C PHE B 46 12.24 -8.45 -2.02
N HIS B 47 11.82 -7.20 -2.21
CA HIS B 47 12.19 -6.35 -3.32
C HIS B 47 12.95 -5.10 -2.90
N HIS B 48 13.16 -4.96 -1.61
CA HIS B 48 13.82 -3.77 -0.99
C HIS B 48 14.85 -4.36 -0.07
N ILE B 49 16.09 -3.88 -0.22
CA ILE B 49 17.28 -4.36 0.50
CA ILE B 49 17.28 -4.36 0.50
C ILE B 49 17.97 -3.15 1.11
N ASP B 50 18.22 -3.20 2.41
CA ASP B 50 18.75 -2.08 3.20
C ASP B 50 20.17 -2.39 3.64
N SER B 51 21.13 -1.59 3.24
CA SER B 51 22.49 -1.71 3.72
C SER B 51 23.09 -0.32 3.99
N ALA B 52 24.42 -0.24 4.04
CA ALA B 52 25.13 0.96 4.51
C ALA B 52 26.58 0.70 4.30
N HIS B 53 27.37 1.75 4.08
CA HIS B 53 28.83 1.63 4.09
C HIS B 53 29.34 1.02 5.40
N VAL B 54 28.79 1.46 6.52
CA VAL B 54 29.34 1.09 7.81
C VAL B 54 29.08 -0.38 8.14
N TYR B 55 28.17 -1.05 7.42
CA TYR B 55 27.86 -2.46 7.65
C TYR B 55 28.96 -3.35 7.15
N ASN B 56 29.87 -2.86 6.28
CA ASN B 56 30.99 -3.68 5.80
C ASN B 56 30.53 -4.94 5.13
N ASN B 57 29.44 -4.83 4.35
CA ASN B 57 28.86 -5.91 3.58
C ASN B 57 28.52 -5.63 2.16
N GLU B 58 28.79 -4.43 1.62
CA GLU B 58 28.29 -4.07 0.32
C GLU B 58 28.82 -4.90 -0.81
N GLU B 59 30.05 -5.36 -0.68
CA GLU B 59 30.53 -6.26 -1.69
C GLU B 59 29.67 -7.58 -1.81
N GLN B 60 29.37 -8.11 -0.65
CA GLN B 60 28.55 -9.37 -0.60
C GLN B 60 27.10 -9.15 -0.97
N VAL B 61 26.54 -8.03 -0.54
CA VAL B 61 25.16 -7.73 -0.86
C VAL B 61 25.03 -7.46 -2.31
N GLY B 62 25.99 -6.69 -2.91
CA GLY B 62 25.99 -6.46 -4.29
C GLY B 62 26.10 -7.76 -5.13
N LEU B 63 26.96 -8.67 -4.70
CA LEU B 63 27.12 -9.91 -5.45
C LEU B 63 25.81 -10.73 -5.45
N ALA B 64 25.12 -10.73 -4.32
CA ALA B 64 23.81 -11.41 -4.24
C ALA B 64 22.82 -10.84 -5.23
N ILE B 65 22.67 -9.52 -5.20
CA ILE B 65 21.80 -8.84 -6.12
C ILE B 65 22.16 -9.10 -7.60
N ARG B 66 23.43 -8.94 -7.90
CA ARG B 66 23.88 -9.17 -9.25
C ARG B 66 23.69 -10.59 -9.70
N SER B 67 23.92 -11.54 -8.81
CA SER B 67 23.76 -12.91 -9.24
CA SER B 67 23.72 -12.98 -9.11
C SER B 67 22.28 -13.26 -9.53
N LYS B 68 21.37 -12.67 -8.78
CA LYS B 68 19.92 -12.86 -9.06
C LYS B 68 19.42 -12.15 -10.30
N ILE B 69 20.06 -11.05 -10.67
CA ILE B 69 19.82 -10.42 -11.91
C ILE B 69 20.36 -11.25 -13.05
N ALA B 70 21.57 -11.75 -12.90
CA ALA B 70 22.23 -12.40 -14.03
C ALA B 70 21.56 -13.74 -14.36
N ASP B 71 21.01 -14.43 -13.35
CA ASP B 71 20.27 -15.66 -13.62
C ASP B 71 18.78 -15.49 -13.93
N GLY B 72 18.35 -14.24 -14.11
CA GLY B 72 16.97 -13.99 -14.49
C GLY B 72 15.93 -14.05 -13.38
N SER B 73 16.35 -14.31 -12.12
CA SER B 73 15.38 -14.30 -10.99
C SER B 73 14.67 -12.93 -10.80
N VAL B 74 15.39 -11.82 -11.05
CA VAL B 74 14.79 -10.47 -10.88
C VAL B 74 15.48 -9.51 -11.86
N LYS B 75 14.82 -8.41 -12.19
CA LYS B 75 15.41 -7.34 -12.92
C LYS B 75 15.88 -6.25 -11.96
N ARG B 76 16.87 -5.48 -12.40
CA ARG B 76 17.37 -4.41 -11.55
C ARG B 76 16.28 -3.46 -11.14
N GLU B 77 15.32 -3.20 -12.02
CA GLU B 77 14.22 -2.29 -11.70
C GLU B 77 13.25 -2.80 -10.64
N ASP B 78 13.32 -4.07 -10.33
CA ASP B 78 12.55 -4.71 -9.28
C ASP B 78 13.28 -5.00 -8.01
N ILE B 79 14.44 -4.36 -7.90
CA ILE B 79 15.15 -4.30 -6.62
C ILE B 79 15.33 -2.82 -6.23
N PHE B 80 14.94 -2.54 -5.00
CA PHE B 80 15.12 -1.25 -4.38
C PHE B 80 16.23 -1.41 -3.34
N TYR B 81 17.38 -0.82 -3.71
CA TYR B 81 18.59 -0.93 -2.87
C TYR B 81 18.93 0.40 -2.20
N THR B 82 19.08 0.39 -0.90
CA THR B 82 19.44 1.53 -0.03
C THR B 82 20.89 1.34 0.48
N SER B 83 21.66 2.42 0.27
CA SER B 83 22.90 2.63 1.01
C SER B 83 22.79 3.81 1.85
N LYS B 84 23.81 4.07 2.72
CA LYS B 84 23.83 5.15 3.66
C LYS B 84 25.27 5.71 3.75
N LEU B 85 25.33 7.03 3.78
CA LEU B 85 26.54 7.82 3.95
C LEU B 85 26.90 7.84 5.42
N TRP B 86 28.08 7.28 5.71
CA TRP B 86 28.52 7.24 7.10
C TRP B 86 29.05 8.61 7.52
N SER B 87 29.13 8.83 8.82
CA SER B 87 29.42 10.13 9.46
C SER B 87 30.83 10.61 9.28
N ASN B 88 31.75 9.79 8.77
CA ASN B 88 33.09 10.21 8.41
C ASN B 88 33.16 10.87 7.00
N SER B 89 31.98 10.94 6.31
CA SER B 89 31.95 11.53 4.95
C SER B 89 30.85 12.61 4.83
N HIS B 90 30.49 13.21 5.95
CA HIS B 90 29.57 14.35 5.87
C HIS B 90 30.11 15.59 5.13
N ARG B 91 31.42 15.83 5.15
CA ARG B 91 31.92 17.03 4.52
C ARG B 91 31.47 17.01 3.03
N PRO B 92 31.09 18.20 2.50
CA PRO B 92 30.47 18.17 1.21
C PRO B 92 31.26 17.52 0.12
N GLU B 93 32.58 17.77 0.07
CA GLU B 93 33.44 17.17 -0.97
C GLU B 93 33.73 15.73 -0.80
N LEU B 94 33.21 15.11 0.34
CA LEU B 94 33.39 13.69 0.56
C LEU B 94 32.14 12.85 0.24
N VAL B 95 31.00 13.48 0.00
CA VAL B 95 29.75 12.76 -0.16
C VAL B 95 29.71 11.91 -1.44
N ARG B 96 29.91 12.57 -2.58
CA ARG B 96 29.91 11.81 -3.82
C ARG B 96 30.97 10.70 -3.86
N PRO B 97 32.20 11.00 -3.34
CA PRO B 97 33.17 9.87 -3.27
C PRO B 97 32.67 8.72 -2.45
N ALA B 98 32.02 9.01 -1.31
CA ALA B 98 31.52 7.89 -0.46
C ALA B 98 30.46 7.04 -1.22
N LEU B 99 29.60 7.74 -1.99
CA LEU B 99 28.58 7.00 -2.75
C LEU B 99 29.30 6.18 -3.87
N GLU B 100 30.27 6.81 -4.55
CA GLU B 100 30.99 6.12 -5.60
C GLU B 100 31.69 4.90 -5.03
N ARG B 101 32.23 4.99 -3.82
CA ARG B 101 32.91 3.86 -3.18
C ARG B 101 31.95 2.73 -2.95
N SER B 102 30.81 3.05 -2.36
CA SER B 102 29.75 2.04 -2.17
C SER B 102 29.33 1.40 -3.51
N LEU B 103 29.13 2.19 -4.52
CA LEU B 103 28.74 1.71 -5.86
C LEU B 103 29.81 0.79 -6.45
N LYS B 104 31.09 1.14 -6.29
CA LYS B 104 32.18 0.29 -6.77
C LYS B 104 32.19 -0.98 -6.01
N ASN B 105 31.95 -1.02 -4.69
CA ASN B 105 31.85 -2.24 -3.95
C ASN B 105 30.68 -3.11 -4.43
N LEU B 106 29.56 -2.48 -4.69
CA LEU B 106 28.32 -3.18 -5.12
C LEU B 106 28.44 -3.62 -6.56
N GLN B 107 29.32 -2.97 -7.30
N GLN B 107 29.31 -2.99 -7.37
CA GLN B 107 29.34 -3.17 -8.73
CA GLN B 107 29.30 -3.00 -8.90
C GLN B 107 27.93 -2.92 -9.30
C GLN B 107 27.95 -2.72 -9.55
N LEU B 108 27.29 -1.79 -8.90
CA LEU B 108 26.06 -1.26 -9.43
C LEU B 108 26.24 0.12 -9.93
N ASP B 109 25.41 0.57 -10.84
CA ASP B 109 25.45 1.86 -11.42
C ASP B 109 24.84 3.01 -10.55
N TYR B 110 23.84 2.62 -9.78
CA TYR B 110 23.09 3.53 -8.95
C TYR B 110 22.53 2.78 -7.75
N VAL B 111 22.28 3.53 -6.70
CA VAL B 111 21.47 3.06 -5.61
C VAL B 111 20.05 3.65 -5.73
N ASP B 112 19.05 2.93 -5.33
CA ASP B 112 17.69 3.48 -5.31
C ASP B 112 17.51 4.56 -4.27
N LEU B 113 18.26 4.48 -3.18
CA LEU B 113 18.09 5.38 -2.09
C LEU B 113 19.44 5.55 -1.41
N TYR B 114 19.77 6.80 -1.13
CA TYR B 114 20.97 7.14 -0.35
C TYR B 114 20.56 7.98 0.80
N LEU B 115 20.95 7.57 2.06
CA LEU B 115 20.58 8.25 3.27
C LEU B 115 21.77 8.87 3.98
N ILE B 116 21.57 10.00 4.60
CA ILE B 116 22.50 10.41 5.72
C ILE B 116 22.26 9.47 6.89
N HIS B 117 23.21 8.64 7.28
CA HIS B 117 22.99 7.57 8.23
C HIS B 117 22.67 8.09 9.61
N PHE B 118 23.44 9.06 10.07
CA PHE B 118 23.38 9.53 11.45
C PHE B 118 23.81 10.98 11.46
N PRO B 119 23.10 11.88 12.17
CA PRO B 119 23.39 13.29 12.03
C PRO B 119 24.64 13.86 12.70
N VAL B 120 25.26 13.10 13.55
CA VAL B 120 26.57 13.52 14.12
C VAL B 120 27.70 13.16 13.18
N SER B 121 28.62 14.06 12.98
CA SER B 121 29.78 13.90 12.15
C SER B 121 30.98 13.44 12.93
N VAL B 122 31.82 12.65 12.31
CA VAL B 122 33.13 12.26 12.85
C VAL B 122 34.23 12.54 11.91
N LYS B 123 35.45 12.59 12.42
N LYS B 123 35.47 12.55 12.44
CA LYS B 123 36.53 13.01 11.58
CA LYS B 123 36.68 12.84 11.68
C LYS B 123 36.75 12.07 10.36
C LYS B 123 36.80 12.01 10.36
N PRO B 124 37.13 12.64 9.19
CA PRO B 124 37.31 11.82 8.03
C PRO B 124 38.45 10.85 8.16
N GLY B 125 38.37 9.75 7.44
CA GLY B 125 39.38 8.72 7.43
C GLY B 125 38.76 7.40 7.37
N GLU B 126 39.56 6.32 7.26
CA GLU B 126 39.02 5.00 7.11
C GLU B 126 38.21 4.52 8.33
N GLU B 127 38.67 4.83 9.52
CA GLU B 127 38.01 4.36 10.72
C GLU B 127 36.63 4.98 10.85
N VAL B 128 35.63 4.14 11.02
CA VAL B 128 34.28 4.61 11.13
C VAL B 128 33.96 5.21 12.46
N ILE B 129 34.61 4.79 13.55
CA ILE B 129 34.40 5.40 14.87
C ILE B 129 35.75 5.80 15.43
N PRO B 130 36.34 6.85 14.89
CA PRO B 130 37.65 7.25 15.31
C PRO B 130 37.69 7.74 16.73
N LYS B 131 38.74 7.38 17.49
CA LYS B 131 38.85 7.74 18.87
C LYS B 131 40.19 8.40 19.16
N ASP B 132 40.16 9.26 20.20
CA ASP B 132 41.33 10.00 20.66
C ASP B 132 42.10 9.12 21.72
N GLU B 133 43.15 9.72 22.29
N GLU B 133 43.12 9.76 22.28
CA GLU B 133 44.04 9.01 23.26
CA GLU B 133 44.03 9.07 23.18
C GLU B 133 43.26 8.66 24.52
C GLU B 133 43.44 8.91 24.57
N ASN B 134 42.26 9.49 24.82
CA ASN B 134 41.44 9.26 26.02
C ASN B 134 40.29 8.33 25.80
N GLY B 135 40.15 7.72 24.58
CA GLY B 135 39.06 6.87 24.23
C GLY B 135 37.75 7.60 23.84
N LYS B 136 37.81 8.89 23.62
CA LYS B 136 36.61 9.68 23.32
C LYS B 136 36.53 9.79 21.77
N ILE B 137 35.34 9.90 21.29
CA ILE B 137 35.12 10.01 19.85
CA ILE B 137 35.19 9.96 19.82
C ILE B 137 35.77 11.26 19.28
N LEU B 138 36.40 11.15 18.12
CA LEU B 138 36.88 12.27 17.34
C LEU B 138 35.69 12.79 16.51
N PHE B 139 34.81 13.55 17.12
CA PHE B 139 33.77 14.24 16.44
C PHE B 139 34.34 15.28 15.49
N ASP B 140 33.54 15.59 14.45
CA ASP B 140 33.80 16.69 13.55
C ASP B 140 32.63 17.63 13.59
N THR B 141 32.77 18.75 12.91
CA THR B 141 31.71 19.77 12.78
C THR B 141 31.45 19.98 11.28
N VAL B 142 30.21 19.70 10.85
CA VAL B 142 29.86 19.89 9.44
C VAL B 142 28.40 20.42 9.43
N ASP B 143 28.20 21.48 8.62
CA ASP B 143 26.82 21.96 8.35
C ASP B 143 26.06 20.87 7.56
N LEU B 144 25.02 20.32 8.18
CA LEU B 144 24.27 19.30 7.50
C LEU B 144 23.49 19.77 6.30
N CYS B 145 23.22 21.08 6.26
CA CYS B 145 22.67 21.68 4.99
C CYS B 145 23.64 21.53 3.84
N ALA B 146 24.93 21.71 4.12
CA ALA B 146 25.93 21.53 3.09
C ALA B 146 26.01 20.03 2.64
N THR B 147 25.94 19.12 3.65
CA THR B 147 25.88 17.69 3.35
C THR B 147 24.66 17.36 2.41
N TRP B 148 23.54 18.00 2.81
CA TRP B 148 22.30 17.76 1.99
C TRP B 148 22.43 18.29 0.57
N GLU B 149 23.02 19.52 0.41
CA GLU B 149 23.26 19.97 -0.91
C GLU B 149 24.07 19.00 -1.73
N ALA B 150 25.10 18.36 -1.13
CA ALA B 150 25.89 17.38 -1.82
C ALA B 150 25.15 16.12 -2.15
N MET B 151 24.21 15.74 -1.25
CA MET B 151 23.27 14.62 -1.53
C MET B 151 22.40 14.89 -2.78
N GLU B 152 21.90 16.15 -2.84
CA GLU B 152 21.09 16.55 -3.99
C GLU B 152 21.86 16.43 -5.27
N LYS B 153 23.15 16.82 -5.26
CA LYS B 153 23.95 16.66 -6.44
C LYS B 153 24.16 15.23 -6.87
N CYS B 154 24.22 14.30 -5.90
CA CYS B 154 24.29 12.87 -6.21
C CYS B 154 23.02 12.37 -6.90
N LYS B 155 21.87 12.87 -6.47
CA LYS B 155 20.62 12.56 -7.13
C LYS B 155 20.64 13.11 -8.54
N ASP B 156 21.04 14.37 -8.68
CA ASP B 156 21.09 14.99 -10.04
C ASP B 156 22.04 14.31 -11.02
N ALA B 157 23.07 13.71 -10.48
CA ALA B 157 24.03 12.96 -11.24
C ALA B 157 23.56 11.57 -11.58
N GLY B 158 22.43 11.11 -11.03
CA GLY B 158 21.90 9.81 -11.35
C GLY B 158 22.45 8.68 -10.52
N LEU B 159 23.30 9.01 -9.54
CA LEU B 159 23.92 7.97 -8.72
C LEU B 159 23.03 7.42 -7.58
N ALA B 160 22.07 8.25 -7.20
CA ALA B 160 21.03 7.89 -6.28
C ALA B 160 19.70 8.30 -6.88
N LYS B 161 18.75 7.37 -6.97
CA LYS B 161 17.43 7.72 -7.51
C LYS B 161 16.66 8.61 -6.59
N SER B 162 16.78 8.36 -5.28
CA SER B 162 16.18 9.08 -4.19
C SER B 162 17.20 9.37 -3.06
N ILE B 163 16.93 10.39 -2.30
CA ILE B 163 17.76 10.71 -1.15
C ILE B 163 16.87 10.89 0.08
N GLY B 164 17.39 10.55 1.26
CA GLY B 164 16.67 10.69 2.49
C GLY B 164 17.60 10.74 3.70
N VAL B 165 17.04 10.61 4.87
CA VAL B 165 17.79 10.70 6.12
C VAL B 165 17.48 9.56 7.04
N SER B 166 18.27 9.40 8.09
CA SER B 166 18.10 8.41 9.06
C SER B 166 18.43 8.97 10.40
N ASN B 167 17.69 8.60 11.49
CA ASN B 167 17.99 9.04 12.84
C ASN B 167 17.91 10.55 12.95
N PHE B 168 17.05 11.20 12.18
CA PHE B 168 16.78 12.63 12.34
C PHE B 168 15.57 12.81 13.29
N ASN B 169 15.64 13.85 14.10
CA ASN B 169 14.56 14.30 14.92
C ASN B 169 13.87 15.44 14.21
N HIS B 170 12.81 15.94 14.86
CA HIS B 170 12.00 17.01 14.28
C HIS B 170 12.81 18.25 13.93
N ARG B 171 13.68 18.66 14.85
CA ARG B 171 14.51 19.82 14.63
C ARG B 171 15.40 19.67 13.40
N LEU B 172 16.03 18.51 13.26
CA LEU B 172 16.94 18.30 12.13
C LEU B 172 16.20 18.15 10.83
N LEU B 173 14.99 17.53 10.87
CA LEU B 173 14.18 17.52 9.66
C LEU B 173 13.81 18.89 9.19
N GLU B 174 13.41 19.72 10.14
CA GLU B 174 13.04 21.09 9.82
C GLU B 174 14.23 21.85 9.24
N MET B 175 15.42 21.64 9.78
CA MET B 175 16.60 22.32 9.24
C MET B 175 16.75 22.08 7.76
N ILE B 176 16.50 20.82 7.33
CA ILE B 176 16.54 20.49 5.92
C ILE B 176 15.33 21.05 5.17
N LEU B 177 14.17 20.85 5.72
CA LEU B 177 12.94 21.30 5.02
C LEU B 177 12.88 22.78 4.79
N ASN B 178 13.47 23.50 5.73
CA ASN B 178 13.47 24.96 5.64
C ASN B 178 14.76 25.54 5.03
N LYS B 179 15.66 24.69 4.51
CA LYS B 179 16.87 25.13 3.98
C LYS B 179 16.64 26.09 2.75
N PRO B 180 17.29 27.25 2.78
CA PRO B 180 17.24 28.09 1.58
C PRO B 180 17.68 27.30 0.32
N GLY B 181 16.87 27.42 -0.74
CA GLY B 181 17.27 26.86 -2.01
C GLY B 181 17.11 25.33 -2.06
N LEU B 182 16.43 24.72 -1.12
CA LEU B 182 16.17 23.26 -1.10
C LEU B 182 15.71 22.86 -2.50
N LYS B 183 16.28 21.79 -3.00
CA LYS B 183 15.86 21.15 -4.25
C LYS B 183 15.00 19.95 -4.06
N TYR B 184 15.41 19.04 -3.16
CA TYR B 184 14.76 17.79 -2.89
C TYR B 184 14.53 17.58 -1.40
N LYS B 185 13.27 17.40 -0.99
CA LYS B 185 13.01 16.96 0.35
C LYS B 185 13.58 15.56 0.58
N PRO B 186 13.88 15.21 1.82
CA PRO B 186 14.16 13.82 2.07
C PRO B 186 12.89 12.99 1.76
N VAL B 187 13.06 11.83 1.12
CA VAL B 187 11.91 10.97 0.85
C VAL B 187 11.49 10.21 2.10
N CYS B 188 12.38 10.05 3.06
CA CYS B 188 12.13 9.19 4.20
C CYS B 188 12.96 9.65 5.34
N ASN B 189 12.61 9.13 6.53
CA ASN B 189 13.40 9.19 7.76
C ASN B 189 13.40 7.82 8.37
N GLN B 190 14.53 7.13 8.29
CA GLN B 190 14.68 5.76 8.79
C GLN B 190 15.04 5.82 10.26
N VAL B 191 14.18 5.34 11.13
CA VAL B 191 14.33 5.47 12.57
C VAL B 191 13.89 4.17 13.25
N GLU B 192 14.26 4.03 14.51
CA GLU B 192 13.77 2.89 15.33
C GLU B 192 12.27 3.05 15.51
N CYS B 193 11.55 1.96 15.31
CA CYS B 193 10.09 2.04 15.55
C CYS B 193 9.57 0.60 15.68
N HIS B 194 8.82 0.43 16.77
CA HIS B 194 8.24 -0.88 17.20
C HIS B 194 7.16 -0.60 18.24
N PRO B 195 6.46 -1.70 18.66
CA PRO B 195 5.39 -1.38 19.61
C PRO B 195 5.75 -0.89 21.03
N TYR B 196 7.04 -0.98 21.40
CA TYR B 196 7.46 -0.32 22.63
C TYR B 196 7.97 1.07 22.47
N PHE B 197 8.05 1.55 21.23
CA PHE B 197 8.53 2.89 20.88
C PHE B 197 7.91 3.24 19.51
N ASN B 198 6.64 3.56 19.52
CA ASN B 198 5.90 3.57 18.28
C ASN B 198 5.97 4.86 17.46
N GLN B 199 6.68 5.85 17.98
CA GLN B 199 6.99 7.08 17.27
C GLN B 199 5.80 7.83 16.71
N ARG B 200 4.64 7.73 17.35
CA ARG B 200 3.50 8.42 16.85
C ARG B 200 3.67 9.89 16.49
N LYS B 201 4.36 10.64 17.37
CA LYS B 201 4.53 12.03 17.12
C LYS B 201 5.39 12.28 15.89
N LEU B 202 6.53 11.63 15.84
CA LEU B 202 7.42 11.80 14.68
C LEU B 202 6.80 11.28 13.38
N LEU B 203 6.07 10.17 13.51
CA LEU B 203 5.32 9.62 12.39
C LEU B 203 4.32 10.62 11.86
N ASP B 204 3.53 11.22 12.70
CA ASP B 204 2.58 12.21 12.23
C ASP B 204 3.24 13.40 11.61
N PHE B 205 4.38 13.86 12.19
CA PHE B 205 5.11 14.96 11.57
C PHE B 205 5.58 14.57 10.16
N CYS B 206 6.19 13.41 10.01
CA CYS B 206 6.62 12.95 8.71
C CYS B 206 5.47 12.86 7.74
N LYS B 207 4.32 12.33 8.18
CA LYS B 207 3.17 12.26 7.31
C LYS B 207 2.72 13.59 6.78
N SER B 208 2.79 14.56 7.68
CA SER B 208 2.40 15.96 7.36
C SER B 208 3.24 16.63 6.30
N LYS B 209 4.46 16.09 6.13
CA LYS B 209 5.43 16.53 5.14
C LYS B 209 5.60 15.58 3.93
N ASP B 210 4.78 14.54 3.86
CA ASP B 210 4.92 13.45 2.90
C ASP B 210 6.32 12.85 2.91
N ILE B 211 6.84 12.67 4.14
CA ILE B 211 8.07 11.92 4.35
C ILE B 211 7.66 10.50 4.85
N VAL B 212 8.19 9.47 4.26
CA VAL B 212 7.91 8.12 4.73
C VAL B 212 8.76 7.81 5.95
N LEU B 213 8.19 7.29 7.00
CA LEU B 213 8.95 6.78 8.13
C LEU B 213 9.29 5.33 7.83
N VAL B 214 10.56 4.96 7.86
CA VAL B 214 11.05 3.65 7.63
C VAL B 214 11.51 3.09 8.96
N ALA B 215 10.90 2.00 9.43
CA ALA B 215 11.18 1.46 10.77
C ALA B 215 12.28 0.43 10.76
N TYR B 216 13.30 0.68 11.58
CA TYR B 216 14.27 -0.33 11.94
C TYR B 216 14.03 -0.77 13.42
N SER B 217 14.71 -1.87 13.74
CA SER B 217 14.50 -2.54 15.00
C SER B 217 13.03 -2.81 15.26
N ALA B 218 12.29 -3.10 14.16
CA ALA B 218 10.83 -3.30 14.24
C ALA B 218 10.48 -4.55 15.04
N LEU B 219 11.45 -5.45 15.22
CA LEU B 219 11.24 -6.63 15.99
C LEU B 219 11.98 -6.58 17.27
N GLY B 220 12.32 -5.38 17.68
CA GLY B 220 13.00 -5.16 18.98
C GLY B 220 14.55 -5.21 18.92
N SER B 221 15.16 -5.13 17.71
CA SER B 221 16.63 -4.98 17.48
C SER B 221 17.35 -6.32 17.63
N HIS B 222 18.53 -6.33 17.03
CA HIS B 222 19.53 -7.40 17.13
C HIS B 222 19.97 -7.64 18.63
N ARG B 223 19.76 -6.66 19.50
CA ARG B 223 20.19 -6.67 20.91
C ARG B 223 21.73 -6.82 21.02
N GLU B 224 22.50 -6.30 20.04
CA GLU B 224 23.99 -6.44 20.03
C GLU B 224 24.57 -5.56 21.13
N GLU B 225 25.35 -6.17 22.03
CA GLU B 225 26.00 -5.43 23.13
C GLU B 225 27.29 -4.93 22.52
N PRO B 226 27.72 -3.73 22.92
CA PRO B 226 27.17 -2.86 23.98
C PRO B 226 26.16 -1.80 23.46
N TRP B 227 25.71 -1.99 22.22
CA TRP B 227 24.80 -1.02 21.55
C TRP B 227 23.39 -1.01 22.20
N VAL B 228 23.00 -2.17 22.72
CA VAL B 228 21.68 -2.36 23.24
C VAL B 228 21.84 -2.89 24.67
N ASP B 229 21.07 -2.30 25.63
CA ASP B 229 21.13 -2.75 27.02
C ASP B 229 20.48 -4.13 27.11
N PRO B 230 21.21 -5.11 27.67
CA PRO B 230 20.74 -6.49 27.67
C PRO B 230 19.57 -6.67 28.66
N ASN B 231 19.41 -5.66 29.55
CA ASN B 231 18.28 -5.61 30.53
C ASN B 231 17.01 -5.01 29.94
N SER B 232 17.07 -4.49 28.73
CA SER B 232 15.87 -4.01 28.06
C SER B 232 14.87 -5.16 27.85
N PRO B 233 13.55 -4.83 27.90
CA PRO B 233 12.55 -5.89 27.67
C PRO B 233 12.65 -6.44 26.27
N VAL B 234 12.36 -7.72 26.11
CA VAL B 234 12.43 -8.41 24.83
C VAL B 234 11.05 -8.24 24.19
N LEU B 235 11.03 -7.46 23.16
CA LEU B 235 9.79 -7.15 22.44
C LEU B 235 8.99 -8.39 22.11
N LEU B 236 9.64 -9.34 21.44
CA LEU B 236 8.93 -10.52 20.91
C LEU B 236 8.38 -11.46 21.97
N GLU B 237 8.73 -11.20 23.23
CA GLU B 237 8.11 -11.94 24.34
C GLU B 237 6.87 -11.25 24.91
N ASP B 238 6.48 -10.16 24.30
CA ASP B 238 5.36 -9.40 24.81
C ASP B 238 4.09 -10.26 24.83
N PRO B 239 3.38 -10.20 25.94
CA PRO B 239 2.22 -11.11 25.96
C PRO B 239 1.02 -10.75 25.08
N VAL B 240 0.83 -9.47 24.81
CA VAL B 240 -0.19 -9.10 23.88
C VAL B 240 0.17 -9.49 22.44
N LEU B 241 1.43 -9.28 22.05
CA LEU B 241 1.92 -9.73 20.72
C LEU B 241 1.81 -11.25 20.56
N CYS B 242 2.15 -11.97 21.64
CA CYS B 242 2.20 -13.39 21.59
C CYS B 242 0.73 -13.88 21.49
N ALA B 243 -0.18 -13.23 22.21
CA ALA B 243 -1.57 -13.64 22.14
C ALA B 243 -2.26 -13.39 20.78
N LEU B 244 -1.94 -12.25 20.18
CA LEU B 244 -2.45 -11.98 18.82
C LEU B 244 -1.87 -12.95 17.84
N ALA B 245 -0.60 -13.29 18.00
CA ALA B 245 0.06 -14.25 17.11
C ALA B 245 -0.65 -15.61 17.20
N LYS B 246 -0.91 -16.09 18.44
CA LYS B 246 -1.54 -17.37 18.62
C LYS B 246 -2.93 -17.36 17.92
N LYS B 247 -3.65 -16.26 18.17
CA LYS B 247 -5.00 -16.07 17.63
C LYS B 247 -5.02 -16.19 16.11
N HIS B 248 -4.00 -15.61 15.45
CA HIS B 248 -3.94 -15.50 14.02
C HIS B 248 -3.18 -16.65 13.43
N LYS B 249 -2.67 -17.53 14.25
CA LYS B 249 -1.76 -18.58 13.80
C LYS B 249 -0.56 -17.97 13.02
N ARG B 250 -0.04 -16.87 13.55
CA ARG B 250 1.17 -16.24 12.97
C ARG B 250 2.20 -16.25 14.08
N THR B 251 3.11 -15.31 14.10
CA THR B 251 4.17 -15.27 15.07
C THR B 251 4.17 -13.85 15.60
N PRO B 252 4.79 -13.61 16.78
CA PRO B 252 4.79 -12.22 17.29
C PRO B 252 5.52 -11.26 16.32
N ALA B 253 6.57 -11.74 15.66
CA ALA B 253 7.31 -10.94 14.69
C ALA B 253 6.36 -10.47 13.63
N LEU B 254 5.53 -11.36 13.07
CA LEU B 254 4.61 -10.99 12.04
C LEU B 254 3.58 -9.96 12.49
N ILE B 255 3.07 -10.08 13.73
CA ILE B 255 2.21 -9.05 14.23
C ILE B 255 2.87 -7.69 14.25
N ALA B 256 4.11 -7.66 14.77
CA ALA B 256 4.89 -6.41 14.85
C ALA B 256 5.17 -5.80 13.46
N LEU B 257 5.43 -6.63 12.45
CA LEU B 257 5.61 -6.12 11.11
C LEU B 257 4.32 -5.60 10.55
N ARG B 258 3.24 -6.34 10.72
CA ARG B 258 1.95 -5.96 10.14
C ARG B 258 1.39 -4.69 10.72
N TYR B 259 1.65 -4.47 12.01
CA TYR B 259 1.29 -3.27 12.68
C TYR B 259 1.85 -2.06 11.91
N GLN B 260 3.14 -2.11 11.64
CA GLN B 260 3.78 -1.00 10.91
C GLN B 260 3.14 -0.80 9.55
N LEU B 261 2.94 -1.82 8.75
CA LEU B 261 2.37 -1.66 7.42
C LEU B 261 1.05 -0.92 7.51
N GLN B 262 0.18 -1.34 8.45
CA GLN B 262 -1.16 -0.75 8.52
C GLN B 262 -1.18 0.67 8.95
N ARG B 263 -0.17 1.13 9.70
CA ARG B 263 -0.12 2.49 10.17
C ARG B 263 0.62 3.39 9.16
N GLY B 264 1.01 2.88 8.01
CA GLY B 264 1.63 3.64 6.94
C GLY B 264 3.12 3.76 7.01
N VAL B 265 3.77 2.88 7.73
CA VAL B 265 5.21 2.81 7.91
C VAL B 265 5.78 1.76 6.96
N VAL B 266 6.92 2.01 6.33
CA VAL B 266 7.66 1.02 5.64
C VAL B 266 8.55 0.29 6.62
N VAL B 267 8.59 -1.02 6.62
CA VAL B 267 9.22 -1.79 7.70
C VAL B 267 10.33 -2.65 7.19
N LEU B 268 11.44 -2.60 7.93
CA LEU B 268 12.60 -3.47 7.65
C LEU B 268 12.50 -4.72 8.57
N ALA B 269 13.08 -5.80 8.08
CA ALA B 269 13.23 -7.01 8.89
C ALA B 269 14.53 -7.68 8.51
N LYS B 270 15.44 -7.84 9.48
CA LYS B 270 16.63 -8.61 9.19
C LYS B 270 16.52 -10.05 9.73
N SER B 271 16.93 -10.98 8.90
CA SER B 271 17.25 -12.33 9.40
C SER B 271 18.21 -12.97 8.44
N TYR B 272 19.14 -13.79 8.97
CA TYR B 272 19.97 -14.59 8.09
C TYR B 272 19.52 -16.05 8.12
N ASN B 273 18.36 -16.31 8.67
N ASN B 273 18.41 -16.31 8.82
CA ASN B 273 17.87 -17.68 8.76
CA ASN B 273 17.79 -17.67 9.00
C ASN B 273 16.78 -17.86 7.79
C ASN B 273 16.73 -17.91 7.91
N GLU B 274 16.93 -18.94 7.03
CA GLU B 274 16.01 -19.18 5.91
C GLU B 274 14.55 -19.24 6.42
N GLN B 275 14.25 -19.89 7.55
CA GLN B 275 12.88 -20.01 8.02
C GLN B 275 12.31 -18.62 8.29
N ARG B 276 13.08 -17.79 8.96
N ARG B 276 13.04 -17.84 9.06
CA ARG B 276 12.51 -16.50 9.38
CA ARG B 276 12.59 -16.49 9.40
C ARG B 276 12.44 -15.54 8.20
C ARG B 276 12.44 -15.56 8.19
N ILE B 277 13.35 -15.64 7.24
CA ILE B 277 13.27 -14.86 5.99
C ILE B 277 11.97 -15.14 5.24
N ARG B 278 11.63 -16.43 5.13
CA ARG B 278 10.36 -16.85 4.51
C ARG B 278 9.20 -16.48 5.28
N GLN B 279 9.27 -16.57 6.60
CA GLN B 279 8.16 -16.22 7.44
C GLN B 279 7.79 -14.73 7.32
N ASN B 280 8.82 -13.90 7.26
CA ASN B 280 8.56 -12.45 7.36
C ASN B 280 7.79 -11.92 6.15
N VAL B 281 7.88 -12.55 4.97
CA VAL B 281 7.14 -12.11 3.82
C VAL B 281 5.62 -12.44 3.97
N GLN B 282 5.23 -13.30 4.95
CA GLN B 282 3.85 -13.58 5.23
C GLN B 282 3.06 -12.43 5.77
N VAL B 283 3.75 -11.29 5.98
CA VAL B 283 3.09 -10.07 6.49
C VAL B 283 1.98 -9.60 5.55
N PHE B 284 2.07 -9.95 4.25
CA PHE B 284 1.06 -9.59 3.26
C PHE B 284 -0.17 -10.49 3.25
N GLU B 285 -0.20 -11.49 4.10
N GLU B 285 -0.18 -11.53 4.09
CA GLU B 285 -1.22 -12.56 3.96
CA GLU B 285 -1.22 -12.64 4.03
C GLU B 285 -2.43 -12.33 4.85
C GLU B 285 -2.35 -12.50 5.06
N PHE B 286 -2.30 -11.47 5.86
CA PHE B 286 -3.33 -11.27 6.86
C PHE B 286 -3.44 -9.79 7.21
N GLN B 287 -4.45 -9.47 7.97
CA GLN B 287 -4.76 -8.15 8.35
C GLN B 287 -5.18 -8.12 9.82
N LEU B 288 -4.94 -6.97 10.44
CA LEU B 288 -5.31 -6.67 11.82
C LEU B 288 -6.51 -5.75 11.88
N THR B 289 -7.45 -6.02 12.75
CA THR B 289 -8.60 -5.14 12.96
C THR B 289 -8.28 -3.87 13.69
N SER B 290 -9.18 -2.93 13.71
CA SER B 290 -8.95 -1.64 14.41
C SER B 290 -8.75 -1.93 15.92
N GLU B 291 -9.47 -2.85 16.51
CA GLU B 291 -9.24 -3.12 17.92
C GLU B 291 -7.85 -3.76 18.15
N GLU B 292 -7.41 -4.63 17.26
CA GLU B 292 -6.11 -5.23 17.39
C GLU B 292 -5.00 -4.16 17.25
N MET B 293 -5.18 -3.21 16.32
CA MET B 293 -4.20 -2.12 16.16
C MET B 293 -4.17 -1.28 17.41
N LYS B 294 -5.35 -1.00 18.03
CA LYS B 294 -5.38 -0.19 19.26
C LYS B 294 -4.73 -0.93 20.42
N ALA B 295 -4.83 -2.23 20.40
CA ALA B 295 -4.19 -3.04 21.48
C ALA B 295 -2.65 -2.92 21.35
N ILE B 296 -2.17 -2.91 20.10
CA ILE B 296 -0.71 -2.80 19.89
C ILE B 296 -0.23 -1.39 20.21
N ASP B 297 -1.00 -0.37 19.81
CA ASP B 297 -0.76 1.01 20.23
C ASP B 297 -0.58 1.13 21.73
N GLY B 298 -1.37 0.38 22.50
CA GLY B 298 -1.32 0.44 23.99
C GLY B 298 -0.03 -0.09 24.57
N LEU B 299 0.81 -0.76 23.78
CA LEU B 299 2.08 -1.27 24.25
C LEU B 299 3.16 -0.25 24.38
N ASN B 300 2.95 0.92 23.80
CA ASN B 300 3.98 1.93 23.76
C ASN B 300 4.53 2.21 25.17
N ARG B 301 5.86 2.24 25.30
CA ARG B 301 6.44 2.49 26.61
C ARG B 301 7.71 3.29 26.65
N ASN B 302 7.97 4.06 25.58
CA ASN B 302 9.18 4.93 25.63
C ASN B 302 10.53 4.10 25.81
N VAL B 303 10.62 2.94 25.18
CA VAL B 303 11.79 2.03 25.23
C VAL B 303 12.49 2.26 23.95
N ARG B 304 13.57 3.06 23.98
CA ARG B 304 14.48 3.13 22.84
C ARG B 304 15.65 2.17 22.99
N TYR B 305 15.74 1.15 22.16
CA TYR B 305 16.77 0.15 22.23
C TYR B 305 18.13 0.71 21.76
N LEU B 306 18.16 1.53 20.71
CA LEU B 306 19.44 1.96 20.09
C LEU B 306 19.61 3.44 20.34
N THR B 307 20.30 3.76 21.43
CA THR B 307 20.53 5.14 21.78
C THR B 307 21.70 5.75 21.08
N LEU B 308 22.63 4.95 20.64
CA LEU B 308 23.82 5.44 20.05
C LEU B 308 24.51 6.49 20.94
N ASP B 309 24.43 6.30 22.25
CA ASP B 309 24.84 7.30 23.19
C ASP B 309 26.34 7.48 23.28
N ILE B 310 27.15 6.64 22.62
CA ILE B 310 28.53 6.96 22.45
C ILE B 310 28.74 8.27 21.62
N PHE B 311 27.76 8.65 20.82
CA PHE B 311 27.77 9.83 20.02
C PHE B 311 27.11 11.01 20.69
N ALA B 312 26.77 10.93 21.98
CA ALA B 312 26.16 12.06 22.69
C ALA B 312 27.15 13.18 22.92
N GLY B 313 26.64 14.38 22.93
CA GLY B 313 27.42 15.57 23.19
C GLY B 313 27.28 16.63 22.12
N PRO B 314 27.46 16.25 20.85
CA PRO B 314 27.36 17.23 19.81
C PRO B 314 25.97 17.83 19.63
N PRO B 315 25.92 19.03 18.98
CA PRO B 315 24.64 19.68 18.82
C PRO B 315 23.62 18.85 18.02
N ASN B 316 24.11 17.99 17.12
CA ASN B 316 23.24 17.23 16.23
C ASN B 316 22.91 15.82 16.77
N TYR B 317 23.36 15.50 17.98
CA TYR B 317 22.92 14.27 18.57
C TYR B 317 21.38 14.29 18.67
N PRO B 318 20.68 13.24 18.14
CA PRO B 318 19.23 13.40 17.93
C PRO B 318 18.30 13.00 18.99
N PHE B 319 18.79 12.36 20.07
CA PHE B 319 17.95 11.78 21.05
C PHE B 319 18.21 12.63 22.37
#